data_7RGT
#
_entry.id   7RGT
#
_cell.length_a   139.010
_cell.length_b   100.303
_cell.length_c   110.718
_cell.angle_alpha   90.000
_cell.angle_beta   107.571
_cell.angle_gamma   90.000
#
_symmetry.space_group_name_H-M   'C 1 2 1'
#
loop_
_entity.id
_entity.type
_entity.pdbx_description
1 polymer 'Repressor of competence, RNA Chaperone'
2 non-polymer 'SULFATE ION'
3 water water
#
_entity_poly.entity_id   1
_entity_poly.type   'polypeptide(L)'
_entity_poly.pdbx_seq_one_letter_code
;GPLGSMRKQALHPRTAVINKAQKNQSKRARSDALLWLAANFPEAFDNSLRIRPLKIGIMSDILQHAEKAEQVGVSKSKLR
EAVVLFTRRLDYLACLKAREVRIDLHGNPVAEVTEEEAENASMKIKKRVEK
;
_entity_poly.pdbx_strand_id   A,B,C,D,E,F,G,H,I
#
# COMPACT_ATOMS: atom_id res chain seq x y z
N ASN A 24 30.49 -9.33 -25.69
CA ASN A 24 29.97 -10.34 -26.61
C ASN A 24 29.97 -11.73 -25.98
N GLN A 25 31.15 -12.21 -25.58
CA GLN A 25 31.22 -13.48 -24.88
C GLN A 25 30.45 -13.43 -23.57
N SER A 26 30.66 -12.37 -22.79
CA SER A 26 29.91 -12.21 -21.54
C SER A 26 28.41 -12.12 -21.82
N LYS A 27 28.01 -11.52 -22.95
CA LYS A 27 26.59 -11.43 -23.28
C LYS A 27 26.00 -12.81 -23.54
N ARG A 28 26.69 -13.63 -24.34
CA ARG A 28 26.19 -14.99 -24.58
C ARG A 28 26.19 -15.80 -23.29
N ALA A 29 27.20 -15.59 -22.42
CA ALA A 29 27.20 -16.26 -21.13
C ALA A 29 26.00 -15.81 -20.29
N ARG A 30 25.63 -14.54 -20.36
CA ARG A 30 24.45 -14.09 -19.64
C ARG A 30 23.19 -14.70 -20.23
N SER A 31 23.08 -14.71 -21.57
CA SER A 31 21.93 -15.34 -22.22
C SER A 31 21.85 -16.83 -21.88
N ASP A 32 22.99 -17.52 -21.86
CA ASP A 32 23.01 -18.92 -21.44
C ASP A 32 22.44 -19.08 -20.03
N ALA A 33 22.86 -18.23 -19.10
CA ALA A 33 22.34 -18.31 -17.74
C ALA A 33 20.84 -18.10 -17.71
N LEU A 34 20.33 -17.18 -18.52
CA LEU A 34 18.89 -16.95 -18.55
C LEU A 34 18.15 -18.16 -19.12
N LEU A 35 18.71 -18.79 -20.16
CA LEU A 35 18.11 -20.00 -20.71
C LEU A 35 18.12 -21.13 -19.68
N TRP A 36 19.23 -21.27 -18.94
CA TRP A 36 19.30 -22.28 -17.89
C TRP A 36 18.26 -22.02 -16.80
N LEU A 37 18.06 -20.76 -16.43
CA LEU A 37 17.05 -20.43 -15.43
C LEU A 37 15.65 -20.78 -15.92
N ALA A 38 15.33 -20.45 -17.17
CA ALA A 38 14.02 -20.79 -17.69
C ALA A 38 13.83 -22.30 -17.81
N ALA A 39 14.88 -23.06 -18.15
CA ALA A 39 14.68 -24.50 -18.30
C ALA A 39 14.53 -25.18 -16.95
N ASN A 40 15.24 -24.70 -15.94
CA ASN A 40 15.23 -25.37 -14.64
C ASN A 40 14.18 -24.82 -13.68
N PHE A 41 13.81 -23.56 -13.79
CA PHE A 41 12.79 -22.97 -12.94
C PHE A 41 11.80 -22.20 -13.81
N PRO A 42 11.06 -22.90 -14.68
CA PRO A 42 10.16 -22.18 -15.60
C PRO A 42 9.03 -21.43 -14.89
N GLU A 43 8.60 -21.90 -13.72
CA GLU A 43 7.57 -21.18 -12.96
C GLU A 43 7.99 -19.75 -12.67
N ALA A 44 9.28 -19.52 -12.45
CA ALA A 44 9.78 -18.19 -12.16
C ALA A 44 10.32 -17.48 -13.40
N PHE A 45 10.96 -18.20 -14.33
CA PHE A 45 11.75 -17.54 -15.36
C PHE A 45 11.32 -17.85 -16.79
N ASP A 46 10.26 -18.63 -17.00
CA ASP A 46 9.70 -18.81 -18.34
C ASP A 46 8.63 -17.73 -18.52
N ASN A 47 8.95 -16.69 -19.28
CA ASN A 47 8.03 -15.57 -19.47
C ASN A 47 7.29 -15.62 -20.79
N SER A 48 7.12 -16.81 -21.37
CA SER A 48 6.45 -16.90 -22.66
C SER A 48 4.99 -16.47 -22.56
N LEU A 49 4.33 -16.73 -21.43
CA LEU A 49 2.95 -16.36 -21.26
C LEU A 49 2.72 -15.34 -20.17
N ARG A 50 3.45 -15.43 -19.06
CA ARG A 50 3.21 -14.56 -17.93
C ARG A 50 4.50 -14.36 -17.18
N ILE A 51 4.51 -13.33 -16.34
CA ILE A 51 5.64 -13.01 -15.48
C ILE A 51 5.07 -12.63 -14.14
N ARG A 52 5.72 -13.08 -13.07
CA ARG A 52 5.19 -12.90 -11.73
C ARG A 52 6.27 -12.36 -10.79
N PRO A 53 5.87 -11.57 -9.78
CA PRO A 53 6.86 -11.08 -8.81
C PRO A 53 7.61 -12.21 -8.14
N LEU A 54 8.92 -12.01 -7.94
CA LEU A 54 9.77 -13.03 -7.34
C LEU A 54 10.01 -12.73 -5.87
N LYS A 55 10.08 -13.80 -5.07
CA LYS A 55 10.48 -13.74 -3.68
C LYS A 55 11.66 -12.80 -3.48
N ILE A 56 11.59 -11.97 -2.43
CA ILE A 56 12.76 -11.23 -2.00
C ILE A 56 13.82 -12.24 -1.54
N GLY A 57 15.03 -12.13 -2.09
CA GLY A 57 16.06 -13.13 -1.83
C GLY A 57 16.00 -14.34 -2.74
N ILE A 58 15.32 -14.22 -3.89
CA ILE A 58 15.29 -15.33 -4.84
C ILE A 58 16.71 -15.68 -5.28
N MET A 59 17.63 -14.70 -5.29
CA MET A 59 18.99 -14.97 -5.74
C MET A 59 19.67 -16.03 -4.90
N SER A 60 19.49 -15.96 -3.58
CA SER A 60 20.11 -16.92 -2.68
C SER A 60 19.57 -18.32 -2.94
N ASP A 61 18.27 -18.44 -3.21
CA ASP A 61 17.70 -19.74 -3.54
C ASP A 61 18.30 -20.31 -4.82
N ILE A 62 18.50 -19.46 -5.83
CA ILE A 62 19.10 -19.91 -7.09
C ILE A 62 20.52 -20.42 -6.88
N LEU A 63 21.30 -19.71 -6.08
CA LEU A 63 22.71 -20.03 -5.91
C LEU A 63 22.94 -21.33 -5.17
N GLN A 64 21.91 -21.85 -4.49
CA GLN A 64 22.01 -23.20 -3.93
C GLN A 64 22.13 -24.26 -5.01
N HIS A 65 21.79 -23.92 -6.26
CA HIS A 65 21.91 -24.82 -7.40
C HIS A 65 23.14 -24.53 -8.25
N ALA A 66 24.11 -23.78 -7.73
CA ALA A 66 25.23 -23.32 -8.56
C ALA A 66 26.06 -24.48 -9.10
N GLU A 67 26.23 -25.55 -8.32
CA GLU A 67 27.07 -26.65 -8.78
C GLU A 67 26.49 -27.29 -10.05
N LYS A 68 25.18 -27.51 -10.07
CA LYS A 68 24.52 -28.07 -11.25
C LYS A 68 24.62 -27.12 -12.44
N ALA A 69 24.53 -25.81 -12.18
CA ALA A 69 24.65 -24.84 -13.26
C ALA A 69 26.06 -24.81 -13.83
N GLU A 70 27.08 -24.87 -12.95
CA GLU A 70 28.46 -24.79 -13.42
C GLU A 70 28.84 -25.98 -14.31
N GLN A 71 28.22 -27.14 -14.07
CA GLN A 71 28.58 -28.33 -14.87
C GLN A 71 28.22 -28.15 -16.34
N VAL A 72 27.23 -27.31 -16.64
CA VAL A 72 26.80 -27.07 -18.01
C VAL A 72 27.27 -25.71 -18.53
N GLY A 73 28.16 -25.05 -17.79
CA GLY A 73 28.83 -23.85 -18.26
C GLY A 73 28.34 -22.52 -17.70
N VAL A 74 27.54 -22.52 -16.64
CA VAL A 74 26.93 -21.31 -16.09
C VAL A 74 27.56 -21.00 -14.74
N SER A 75 28.21 -19.84 -14.63
CA SER A 75 28.88 -19.45 -13.40
C SER A 75 27.91 -18.75 -12.45
N LYS A 76 28.31 -18.61 -11.18
CA LYS A 76 27.45 -17.88 -10.25
C LYS A 76 27.29 -16.42 -10.69
N SER A 77 28.35 -15.79 -11.15
CA SER A 77 28.24 -14.40 -11.54
C SER A 77 27.36 -14.23 -12.77
N LYS A 78 27.31 -15.23 -13.65
CA LYS A 78 26.38 -15.12 -14.79
C LYS A 78 24.94 -15.37 -14.35
N LEU A 79 24.72 -16.23 -13.35
CA LEU A 79 23.39 -16.36 -12.78
C LEU A 79 22.91 -15.03 -12.20
N ARG A 80 23.79 -14.31 -11.49
CA ARG A 80 23.40 -13.00 -10.96
C ARG A 80 23.09 -12.01 -12.07
N GLU A 81 23.94 -11.96 -13.11
CA GLU A 81 23.67 -11.05 -14.22
C GLU A 81 22.35 -11.37 -14.89
N ALA A 82 22.02 -12.65 -15.06
CA ALA A 82 20.75 -13.04 -15.68
C ALA A 82 19.56 -12.61 -14.83
N VAL A 83 19.64 -12.79 -13.51
CA VAL A 83 18.54 -12.37 -12.65
C VAL A 83 18.39 -10.85 -12.68
N VAL A 84 19.51 -10.13 -12.68
CA VAL A 84 19.48 -8.68 -12.81
C VAL A 84 18.81 -8.26 -14.12
N LEU A 85 19.21 -8.86 -15.23
CA LEU A 85 18.59 -8.52 -16.51
C LEU A 85 17.10 -8.84 -16.51
N PHE A 86 16.74 -10.04 -16.04
CA PHE A 86 15.34 -10.47 -16.04
C PHE A 86 14.46 -9.50 -15.24
N THR A 87 14.94 -9.07 -14.07
CA THR A 87 14.14 -8.25 -13.19
C THR A 87 14.26 -6.76 -13.48
N ARG A 88 15.11 -6.35 -14.42
CA ARG A 88 15.08 -4.96 -14.85
C ARG A 88 14.18 -4.73 -16.05
N ARG A 89 13.70 -5.82 -16.68
CA ARG A 89 12.78 -5.66 -17.79
C ARG A 89 11.52 -4.94 -17.34
N LEU A 90 10.96 -4.12 -18.24
CA LEU A 90 9.80 -3.31 -17.87
C LEU A 90 8.61 -4.20 -17.53
N ASP A 91 8.46 -5.32 -18.22
CA ASP A 91 7.33 -6.19 -17.92
C ASP A 91 7.46 -6.80 -16.53
N TYR A 92 8.68 -7.03 -16.04
CA TYR A 92 8.81 -7.48 -14.66
C TYR A 92 8.47 -6.35 -13.69
N LEU A 93 9.04 -5.16 -13.94
CA LEU A 93 8.74 -4.03 -13.05
C LEU A 93 7.24 -3.74 -13.02
N ALA A 94 6.57 -3.93 -14.15
CA ALA A 94 5.14 -3.65 -14.22
C ALA A 94 4.31 -4.66 -13.42
N CYS A 95 4.83 -5.86 -13.18
CA CYS A 95 4.06 -6.84 -12.43
C CYS A 95 4.19 -6.66 -10.92
N LEU A 96 5.07 -5.76 -10.46
CA LEU A 96 5.26 -5.47 -9.04
C LEU A 96 4.21 -4.46 -8.57
N LYS A 97 2.96 -4.91 -8.53
CA LYS A 97 1.86 -4.09 -8.05
C LYS A 97 1.49 -4.47 -6.62
N ALA A 98 0.96 -3.49 -5.88
CA ALA A 98 0.69 -3.70 -4.46
C ALA A 98 -0.19 -4.93 -4.24
N ARG A 99 0.25 -5.80 -3.34
CA ARG A 99 -0.46 -6.97 -2.87
C ARG A 99 -0.56 -8.07 -3.93
N GLU A 100 0.17 -7.95 -5.04
CA GLU A 100 0.42 -9.11 -5.89
C GLU A 100 1.28 -10.12 -5.15
N VAL A 101 1.16 -11.40 -5.52
CA VAL A 101 1.88 -12.49 -4.84
C VAL A 101 3.30 -12.60 -5.39
N ARG A 102 4.28 -12.71 -4.48
CA ARG A 102 5.63 -13.12 -4.86
C ARG A 102 5.76 -14.64 -4.78
N ILE A 103 6.43 -15.23 -5.77
CA ILE A 103 6.57 -16.68 -5.84
C ILE A 103 8.02 -17.09 -5.59
N ASP A 104 8.21 -18.34 -5.17
CA ASP A 104 9.55 -18.92 -5.08
C ASP A 104 9.88 -19.51 -6.46
N LEU A 105 11.00 -20.25 -6.56
CA LEU A 105 11.44 -20.78 -7.86
C LEU A 105 10.47 -21.78 -8.45
N HIS A 106 9.57 -22.34 -7.64
CA HIS A 106 8.63 -23.36 -8.12
C HIS A 106 7.21 -22.83 -8.21
N GLY A 107 7.04 -21.51 -8.18
CA GLY A 107 5.72 -20.92 -8.34
C GLY A 107 4.85 -20.96 -7.10
N ASN A 108 5.40 -21.35 -5.96
CA ASN A 108 4.61 -21.33 -4.73
C ASN A 108 4.50 -19.91 -4.19
N PRO A 109 3.33 -19.54 -3.65
CA PRO A 109 3.17 -18.19 -3.08
C PRO A 109 3.92 -18.07 -1.75
N VAL A 110 4.74 -17.02 -1.62
CA VAL A 110 5.50 -16.86 -0.36
C VAL A 110 5.25 -15.50 0.32
N ALA A 111 4.85 -14.49 -0.44
CA ALA A 111 4.68 -13.17 0.18
C ALA A 111 3.89 -12.31 -0.78
N GLU A 112 3.60 -11.08 -0.34
CA GLU A 112 2.88 -10.11 -1.15
C GLU A 112 3.74 -8.86 -1.35
N VAL A 113 3.61 -8.26 -2.53
CA VAL A 113 4.29 -7.00 -2.84
C VAL A 113 3.72 -5.90 -1.95
N THR A 114 4.59 -5.12 -1.32
CA THR A 114 4.17 -4.00 -0.48
C THR A 114 3.95 -2.75 -1.34
N GLU A 115 3.28 -1.75 -0.75
CA GLU A 115 3.08 -0.48 -1.45
C GLU A 115 4.40 0.18 -1.79
N GLU A 116 5.37 0.14 -0.87
CA GLU A 116 6.66 0.77 -1.13
C GLU A 116 7.40 0.09 -2.28
N GLU A 117 7.34 -1.24 -2.33
CA GLU A 117 7.96 -1.97 -3.44
C GLU A 117 7.28 -1.63 -4.76
N ALA A 118 5.95 -1.52 -4.75
CA ALA A 118 5.25 -1.15 -5.97
C ALA A 118 5.63 0.27 -6.42
N GLU A 119 5.75 1.18 -5.46
CA GLU A 119 6.14 2.56 -5.78
C GLU A 119 7.56 2.62 -6.31
N ASN A 120 8.47 1.86 -5.72
CA ASN A 120 9.85 1.81 -6.22
C ASN A 120 9.89 1.27 -7.65
N ALA A 121 9.09 0.24 -7.94
CA ALA A 121 9.07 -0.31 -9.30
C ALA A 121 8.52 0.69 -10.31
N SER A 122 7.44 1.40 -9.99
CA SER A 122 6.90 2.33 -10.98
C SER A 122 7.83 3.50 -11.19
N MET A 123 8.50 3.95 -10.12
CA MET A 123 9.52 4.98 -10.26
C MET A 123 10.65 4.52 -11.19
N LYS A 124 11.03 3.25 -11.11
CA LYS A 124 12.07 2.75 -12.00
C LYS A 124 11.62 2.75 -13.46
N ILE A 125 10.35 2.39 -13.70
CA ILE A 125 9.82 2.40 -15.06
C ILE A 125 9.86 3.81 -15.63
N LYS A 126 9.40 4.78 -14.83
CA LYS A 126 9.33 6.17 -15.27
C LYS A 126 10.71 6.72 -15.60
N LYS A 127 11.74 6.27 -14.87
CA LYS A 127 13.10 6.73 -15.13
C LYS A 127 13.60 6.21 -16.47
N ARG A 128 13.32 4.94 -16.77
CA ARG A 128 13.89 4.28 -17.93
C ARG A 128 13.27 4.77 -19.23
N VAL A 129 11.97 5.06 -19.20
CA VAL A 129 11.32 5.63 -20.38
C VAL A 129 11.65 7.10 -20.58
N GLU A 130 12.25 7.76 -19.58
CA GLU A 130 12.75 9.11 -19.73
C GLU A 130 14.25 9.11 -20.02
N LEU B 3 16.05 34.32 16.98
CA LEU B 3 15.67 32.92 16.78
C LEU B 3 14.53 32.80 15.76
N GLY B 4 14.68 31.86 14.83
CA GLY B 4 13.70 31.65 13.78
C GLY B 4 13.77 32.63 12.62
N SER B 5 14.72 33.57 12.65
CA SER B 5 14.74 34.62 11.63
C SER B 5 15.17 34.07 10.27
N MET B 6 16.19 33.21 10.24
CA MET B 6 16.57 32.57 8.98
C MET B 6 15.47 31.63 8.49
N ARG B 7 14.83 30.91 9.41
CA ARG B 7 13.77 29.99 9.02
C ARG B 7 12.55 30.75 8.48
N LYS B 8 12.15 31.82 9.16
CA LYS B 8 11.00 32.62 8.70
C LYS B 8 11.21 33.14 7.29
N GLN B 9 12.38 33.74 7.02
CA GLN B 9 12.65 34.27 5.70
C GLN B 9 12.70 33.17 4.64
N ALA B 10 13.33 32.04 4.98
CA ALA B 10 13.40 30.93 4.02
C ALA B 10 12.01 30.32 3.78
N LEU B 11 11.23 30.13 4.85
CA LEU B 11 9.87 29.64 4.73
C LEU B 11 9.01 30.59 3.90
N GLN B 22 -7.35 17.46 -5.43
CA GLN B 22 -7.91 16.18 -5.85
C GLN B 22 -7.80 15.14 -4.74
N LYS B 23 -7.26 15.55 -3.59
CA LYS B 23 -7.07 14.61 -2.48
C LYS B 23 -8.40 14.14 -1.92
N ASN B 24 -9.38 15.03 -1.83
CA ASN B 24 -10.73 14.64 -1.38
C ASN B 24 -11.37 13.68 -2.37
N GLN B 25 -11.26 13.97 -3.67
CA GLN B 25 -11.76 13.04 -4.69
C GLN B 25 -10.99 11.73 -4.66
N SER B 26 -9.68 11.79 -4.41
CA SER B 26 -8.89 10.58 -4.33
C SER B 26 -9.32 9.73 -3.13
N LYS B 27 -9.44 10.36 -1.96
CA LYS B 27 -9.90 9.65 -0.77
C LYS B 27 -11.30 9.09 -0.97
N ARG B 28 -12.21 9.91 -1.51
CA ARG B 28 -13.56 9.42 -1.76
C ARG B 28 -13.56 8.20 -2.67
N ALA B 29 -12.71 8.20 -3.70
CA ALA B 29 -12.65 7.07 -4.62
C ALA B 29 -12.15 5.81 -3.92
N ARG B 30 -11.18 5.97 -3.03
CA ARG B 30 -10.77 4.85 -2.18
C ARG B 30 -11.93 4.40 -1.30
N SER B 31 -12.67 5.33 -0.70
CA SER B 31 -13.82 4.94 0.10
C SER B 31 -14.87 4.22 -0.75
N ASP B 32 -15.16 4.76 -1.94
CA ASP B 32 -16.02 4.07 -2.90
C ASP B 32 -15.60 2.62 -3.06
N ALA B 33 -14.30 2.40 -3.31
CA ALA B 33 -13.80 1.04 -3.52
C ALA B 33 -14.00 0.17 -2.27
N LEU B 34 -13.77 0.74 -1.09
CA LEU B 34 -13.94 -0.04 0.13
C LEU B 34 -15.41 -0.40 0.35
N LEU B 35 -16.32 0.55 0.06
CA LEU B 35 -17.74 0.26 0.18
C LEU B 35 -18.18 -0.78 -0.84
N TRP B 36 -17.64 -0.70 -2.06
CA TRP B 36 -17.96 -1.71 -3.07
C TRP B 36 -17.49 -3.09 -2.62
N LEU B 37 -16.30 -3.16 -1.99
CA LEU B 37 -15.79 -4.44 -1.48
C LEU B 37 -16.66 -5.00 -0.37
N ALA B 38 -17.09 -4.15 0.57
CA ALA B 38 -17.95 -4.61 1.65
C ALA B 38 -19.30 -5.07 1.12
N ALA B 39 -19.81 -4.42 0.07
CA ALA B 39 -21.11 -4.75 -0.47
C ALA B 39 -21.07 -6.05 -1.27
N ASN B 40 -19.98 -6.28 -1.99
CA ASN B 40 -19.94 -7.47 -2.84
C ASN B 40 -19.30 -8.65 -2.15
N PHE B 41 -18.39 -8.43 -1.20
CA PHE B 41 -17.74 -9.52 -0.49
C PHE B 41 -17.77 -9.25 1.02
N PRO B 42 -18.97 -9.23 1.62
CA PRO B 42 -19.06 -8.87 3.05
C PRO B 42 -18.38 -9.89 3.97
N GLU B 43 -18.31 -11.17 3.58
CA GLU B 43 -17.62 -12.14 4.42
C GLU B 43 -16.19 -11.70 4.66
N ALA B 44 -15.57 -11.03 3.69
CA ALA B 44 -14.20 -10.58 3.80
C ALA B 44 -14.08 -9.15 4.29
N PHE B 45 -14.96 -8.25 3.85
CA PHE B 45 -14.72 -6.83 4.02
C PHE B 45 -15.77 -6.08 4.82
N ASP B 46 -16.81 -6.74 5.32
CA ASP B 46 -17.75 -6.10 6.26
C ASP B 46 -17.22 -6.37 7.66
N ASN B 47 -16.62 -5.36 8.28
CA ASN B 47 -15.99 -5.52 9.59
C ASN B 47 -16.87 -4.99 10.73
N SER B 48 -18.18 -4.95 10.55
CA SER B 48 -19.03 -4.38 11.59
C SER B 48 -19.02 -5.23 12.86
N LEU B 49 -18.91 -6.55 12.72
CA LEU B 49 -18.88 -7.43 13.88
C LEU B 49 -17.56 -8.16 14.04
N ARG B 50 -16.91 -8.54 12.95
CA ARG B 50 -15.68 -9.32 13.07
C ARG B 50 -14.77 -9.02 11.90
N ILE B 51 -13.50 -9.37 12.10
CA ILE B 51 -12.50 -9.24 11.06
C ILE B 51 -11.63 -10.50 11.09
N ARG B 52 -11.34 -11.03 9.92
CA ARG B 52 -10.63 -12.30 9.80
C ARG B 52 -9.47 -12.16 8.83
N PRO B 53 -8.39 -12.89 9.07
CA PRO B 53 -7.26 -12.87 8.13
C PRO B 53 -7.73 -13.23 6.73
N LEU B 54 -7.18 -12.56 5.74
CA LEU B 54 -7.52 -12.77 4.34
C LEU B 54 -6.46 -13.64 3.67
N LYS B 55 -6.92 -14.49 2.76
CA LYS B 55 -6.08 -15.30 1.88
C LYS B 55 -4.90 -14.51 1.33
N ILE B 56 -3.72 -15.14 1.34
CA ILE B 56 -2.58 -14.58 0.60
C ILE B 56 -2.92 -14.55 -0.88
N GLY B 57 -2.79 -13.38 -1.50
CA GLY B 57 -3.25 -13.26 -2.88
C GLY B 57 -4.73 -12.98 -3.03
N ILE B 58 -5.39 -12.47 -1.98
CA ILE B 58 -6.78 -12.07 -2.09
C ILE B 58 -6.95 -10.99 -3.15
N MET B 59 -5.92 -10.17 -3.36
CA MET B 59 -6.00 -9.07 -4.34
C MET B 59 -6.29 -9.61 -5.74
N SER B 60 -5.65 -10.72 -6.11
CA SER B 60 -5.87 -11.29 -7.44
C SER B 60 -7.31 -11.80 -7.59
N ASP B 61 -7.86 -12.39 -6.52
CA ASP B 61 -9.26 -12.84 -6.58
C ASP B 61 -10.21 -11.67 -6.74
N ILE B 62 -9.93 -10.56 -6.04
CA ILE B 62 -10.75 -9.37 -6.20
C ILE B 62 -10.69 -8.87 -7.62
N LEU B 63 -9.49 -8.84 -8.21
CA LEU B 63 -9.34 -8.27 -9.55
C LEU B 63 -9.99 -9.11 -10.64
N GLN B 64 -10.36 -10.37 -10.36
CA GLN B 64 -11.17 -11.12 -11.31
C GLN B 64 -12.55 -10.51 -11.48
N HIS B 65 -12.99 -9.66 -10.54
CA HIS B 65 -14.27 -8.96 -10.64
C HIS B 65 -14.09 -7.51 -11.08
N ALA B 66 -12.94 -7.18 -11.67
CA ALA B 66 -12.64 -5.78 -11.98
C ALA B 66 -13.62 -5.19 -12.99
N GLU B 67 -14.09 -6.00 -13.95
CA GLU B 67 -14.98 -5.49 -14.98
C GLU B 67 -16.28 -4.99 -14.37
N LYS B 68 -16.82 -5.73 -13.40
CA LYS B 68 -18.04 -5.31 -12.72
C LYS B 68 -17.82 -4.03 -11.91
N ALA B 69 -16.66 -3.90 -11.28
CA ALA B 69 -16.36 -2.71 -10.50
C ALA B 69 -16.16 -1.49 -11.38
N GLU B 70 -15.51 -1.67 -12.54
CA GLU B 70 -15.23 -0.53 -13.41
C GLU B 70 -16.51 0.11 -13.94
N GLN B 71 -17.57 -0.67 -14.13
CA GLN B 71 -18.79 -0.13 -14.70
C GLN B 71 -19.44 0.93 -13.82
N VAL B 72 -19.24 0.83 -12.50
CA VAL B 72 -19.81 1.80 -11.57
C VAL B 72 -18.75 2.80 -11.09
N GLY B 73 -17.56 2.77 -11.69
CA GLY B 73 -16.55 3.79 -11.45
C GLY B 73 -15.41 3.40 -10.53
N VAL B 74 -15.22 2.11 -10.24
CA VAL B 74 -14.19 1.64 -9.32
C VAL B 74 -13.07 1.04 -10.14
N SER B 75 -11.89 1.67 -10.07
CA SER B 75 -10.76 1.23 -10.87
C SER B 75 -10.00 0.12 -10.15
N LYS B 76 -9.15 -0.57 -10.89
CA LYS B 76 -8.31 -1.56 -10.23
C LYS B 76 -7.38 -0.90 -9.22
N SER B 77 -6.81 0.26 -9.57
N SER B 77 -6.82 0.26 -9.57
CA SER B 77 -5.90 0.93 -8.65
CA SER B 77 -5.90 0.94 -8.67
C SER B 77 -6.59 1.28 -7.34
C SER B 77 -6.57 1.33 -7.35
N LYS B 78 -7.85 1.71 -7.40
CA LYS B 78 -8.56 2.05 -6.17
C LYS B 78 -8.95 0.80 -5.39
N LEU B 79 -9.22 -0.30 -6.07
CA LEU B 79 -9.42 -1.56 -5.36
C LEU B 79 -8.18 -1.91 -4.54
N ARG B 80 -6.99 -1.78 -5.14
CA ARG B 80 -5.74 -2.05 -4.43
C ARG B 80 -5.56 -1.10 -3.25
N GLU B 81 -5.80 0.19 -3.45
CA GLU B 81 -5.70 1.14 -2.35
C GLU B 81 -6.65 0.76 -1.21
N ALA B 82 -7.86 0.33 -1.54
CA ALA B 82 -8.81 -0.06 -0.49
C ALA B 82 -8.34 -1.28 0.27
N VAL B 83 -7.82 -2.29 -0.44
CA VAL B 83 -7.33 -3.48 0.26
C VAL B 83 -6.16 -3.13 1.15
N VAL B 84 -5.23 -2.30 0.66
CA VAL B 84 -4.10 -1.86 1.47
C VAL B 84 -4.58 -1.13 2.72
N LEU B 85 -5.52 -0.19 2.57
CA LEU B 85 -6.05 0.51 3.73
C LEU B 85 -6.71 -0.46 4.71
N PHE B 86 -7.56 -1.34 4.20
CA PHE B 86 -8.28 -2.27 5.05
C PHE B 86 -7.32 -3.13 5.88
N THR B 87 -6.25 -3.63 5.26
CA THR B 87 -5.33 -4.56 5.92
C THR B 87 -4.23 -3.84 6.69
N ARG B 88 -4.15 -2.50 6.62
CA ARG B 88 -3.25 -1.76 7.47
C ARG B 88 -3.88 -1.35 8.79
N ARG B 89 -5.20 -1.52 8.92
CA ARG B 89 -5.84 -1.19 10.18
C ARG B 89 -5.29 -2.04 11.31
N LEU B 90 -5.17 -1.44 12.49
CA LEU B 90 -4.57 -2.17 13.61
C LEU B 90 -5.39 -3.39 14.00
N ASP B 91 -6.72 -3.30 13.89
CA ASP B 91 -7.55 -4.45 14.24
C ASP B 91 -7.33 -5.60 13.26
N TYR B 92 -7.04 -5.30 11.99
CA TYR B 92 -6.69 -6.37 11.07
C TYR B 92 -5.32 -6.95 11.41
N LEU B 93 -4.33 -6.08 11.64
CA LEU B 93 -3.00 -6.60 11.98
C LEU B 93 -3.04 -7.46 13.24
N ALA B 94 -3.87 -7.08 14.23
CA ALA B 94 -3.95 -7.85 15.46
C ALA B 94 -4.60 -9.22 15.26
N CYS B 95 -5.40 -9.41 14.21
CA CYS B 95 -6.02 -10.72 14.01
C CYS B 95 -5.09 -11.71 13.30
N LEU B 96 -3.92 -11.25 12.83
CA LEU B 96 -2.95 -12.11 12.15
C LEU B 96 -2.07 -12.82 13.18
N LYS B 97 -2.69 -13.74 13.90
CA LYS B 97 -2.00 -14.55 14.90
C LYS B 97 -1.70 -15.93 14.32
N ALA B 98 -0.59 -16.53 14.75
CA ALA B 98 -0.15 -17.81 14.17
C ALA B 98 -1.26 -18.84 14.26
N ARG B 99 -1.53 -19.51 13.13
CA ARG B 99 -2.51 -20.59 12.99
C ARG B 99 -3.95 -20.13 13.00
N GLU B 100 -4.21 -18.82 12.95
CA GLU B 100 -5.54 -18.34 12.61
C GLU B 100 -5.85 -18.69 11.16
N VAL B 101 -7.14 -18.85 10.87
CA VAL B 101 -7.57 -19.23 9.52
C VAL B 101 -7.60 -17.99 8.63
N ARG B 102 -7.05 -18.10 7.42
CA ARG B 102 -7.26 -17.11 6.38
C ARG B 102 -8.44 -17.52 5.51
N ILE B 103 -9.30 -16.57 5.16
CA ILE B 103 -10.50 -16.82 4.40
C ILE B 103 -10.37 -16.24 2.99
N ASP B 104 -11.17 -16.80 2.07
CA ASP B 104 -11.30 -16.25 0.73
C ASP B 104 -12.42 -15.19 0.77
N LEU B 105 -12.81 -14.70 -0.41
CA LEU B 105 -13.79 -13.61 -0.47
C LEU B 105 -15.17 -14.03 0.05
N HIS B 106 -15.43 -15.32 0.16
CA HIS B 106 -16.73 -15.81 0.59
C HIS B 106 -16.69 -16.43 1.97
N GLY B 107 -15.63 -16.16 2.73
CA GLY B 107 -15.55 -16.63 4.08
C GLY B 107 -15.15 -18.08 4.25
N ASN B 108 -14.76 -18.77 3.16
CA ASN B 108 -14.33 -20.16 3.24
C ASN B 108 -12.90 -20.24 3.77
N PRO B 109 -12.60 -21.22 4.63
CA PRO B 109 -11.23 -21.37 5.13
C PRO B 109 -10.32 -21.90 4.03
N VAL B 110 -9.18 -21.22 3.81
CA VAL B 110 -8.27 -21.66 2.77
C VAL B 110 -6.85 -21.93 3.28
N ALA B 111 -6.42 -21.34 4.38
CA ALA B 111 -5.05 -21.51 4.85
C ALA B 111 -4.96 -21.02 6.29
N GLU B 112 -3.77 -21.16 6.88
CA GLU B 112 -3.49 -20.70 8.23
C GLU B 112 -2.36 -19.69 8.22
N VAL B 113 -2.45 -18.70 9.11
CA VAL B 113 -1.39 -17.71 9.27
C VAL B 113 -0.14 -18.38 9.81
N THR B 114 1.01 -18.08 9.19
CA THR B 114 2.27 -18.62 9.65
C THR B 114 2.85 -17.77 10.77
N GLU B 115 3.84 -18.36 11.45
CA GLU B 115 4.53 -17.64 12.52
C GLU B 115 5.25 -16.41 11.97
N GLU B 116 5.85 -16.53 10.78
CA GLU B 116 6.53 -15.39 10.17
C GLU B 116 5.56 -14.26 9.83
N GLU B 117 4.40 -14.61 9.30
CA GLU B 117 3.38 -13.61 9.00
C GLU B 117 2.88 -12.94 10.27
N ALA B 118 2.72 -13.72 11.34
CA ALA B 118 2.29 -13.19 12.62
C ALA B 118 3.31 -12.22 13.22
N GLU B 119 4.60 -12.56 13.14
CA GLU B 119 5.62 -11.65 13.69
C GLU B 119 5.77 -10.40 12.80
N ASN B 120 5.61 -10.53 11.50
N ASN B 120 5.60 -10.53 11.49
CA ASN B 120 5.61 -9.34 10.64
CA ASN B 120 5.62 -9.34 10.66
C ASN B 120 4.46 -8.41 11.02
C ASN B 120 4.46 -8.40 11.01
N ALA B 121 3.27 -8.96 11.26
CA ALA B 121 2.13 -8.14 11.63
C ALA B 121 2.34 -7.47 12.98
N SER B 122 2.92 -8.20 13.94
CA SER B 122 3.23 -7.62 15.24
C SER B 122 4.20 -6.45 15.11
N MET B 123 5.29 -6.65 14.35
CA MET B 123 6.25 -5.56 14.16
C MET B 123 5.60 -4.34 13.53
N LYS B 124 4.65 -4.55 12.61
CA LYS B 124 3.98 -3.42 11.97
C LYS B 124 3.17 -2.61 12.97
N ILE B 125 2.47 -3.29 13.89
CA ILE B 125 1.69 -2.56 14.90
C ILE B 125 2.62 -1.75 15.80
N LYS B 126 3.71 -2.37 16.25
CA LYS B 126 4.60 -1.70 17.18
C LYS B 126 5.25 -0.46 16.57
N LYS B 127 5.57 -0.51 15.27
CA LYS B 127 6.11 0.68 14.61
C LYS B 127 5.03 1.73 14.37
N ARG B 128 3.76 1.33 14.35
CA ARG B 128 2.65 2.26 14.24
C ARG B 128 2.36 2.92 15.58
N LYS C 27 12.73 19.44 20.64
CA LYS C 27 12.34 20.81 20.94
C LYS C 27 12.32 21.66 19.67
N ARG C 28 13.41 21.59 18.89
CA ARG C 28 13.49 22.36 17.65
C ARG C 28 12.51 21.85 16.61
N ALA C 29 12.22 20.54 16.61
CA ALA C 29 11.24 20.01 15.68
C ALA C 29 9.85 20.61 15.95
N ARG C 30 9.50 20.75 17.22
CA ARG C 30 8.22 21.38 17.55
C ARG C 30 8.21 22.85 17.11
N SER C 31 9.34 23.55 17.28
CA SER C 31 9.42 24.94 16.84
C SER C 31 9.40 25.04 15.32
N ASP C 32 10.12 24.14 14.63
CA ASP C 32 10.03 24.07 13.18
C ASP C 32 8.58 23.98 12.73
N ALA C 33 7.81 23.09 13.37
CA ALA C 33 6.41 22.92 13.02
C ALA C 33 5.62 24.20 13.24
N LEU C 34 5.89 24.91 14.35
CA LEU C 34 5.18 26.16 14.60
C LEU C 34 5.57 27.22 13.58
N LEU C 35 6.84 27.30 13.21
CA LEU C 35 7.26 28.24 12.17
C LEU C 35 6.63 27.90 10.84
N TRP C 36 6.53 26.61 10.52
CA TRP C 36 5.88 26.20 9.28
C TRP C 36 4.42 26.63 9.29
N LEU C 37 3.73 26.45 10.42
CA LEU C 37 2.35 26.86 10.52
C LEU C 37 2.19 28.37 10.38
N ALA C 38 3.07 29.13 11.03
CA ALA C 38 2.98 30.59 10.95
C ALA C 38 3.24 31.08 9.54
N ALA C 39 4.15 30.44 8.81
CA ALA C 39 4.48 30.89 7.46
C ALA C 39 3.40 30.51 6.46
N ASN C 40 2.76 29.37 6.64
CA ASN C 40 1.80 28.90 5.65
C ASN C 40 0.36 29.30 5.97
N PHE C 41 0.01 29.45 7.25
CA PHE C 41 -1.33 29.90 7.66
C PHE C 41 -1.19 31.02 8.68
N PRO C 42 -0.66 32.17 8.25
CA PRO C 42 -0.40 33.24 9.23
C PRO C 42 -1.67 33.82 9.86
N GLU C 43 -2.81 33.75 9.18
CA GLU C 43 -4.06 34.22 9.77
C GLU C 43 -4.36 33.51 11.08
N ALA C 44 -4.00 32.23 11.18
CA ALA C 44 -4.27 31.45 12.37
C ALA C 44 -3.09 31.42 13.34
N PHE C 45 -1.84 31.38 12.85
CA PHE C 45 -0.72 31.07 13.73
C PHE C 45 0.35 32.16 13.81
N ASP C 46 0.18 33.29 13.15
CA ASP C 46 1.07 34.44 13.35
C ASP C 46 0.45 35.30 14.44
N ASN C 47 0.98 35.19 15.66
CA ASN C 47 0.44 35.86 16.83
C ASN C 47 1.22 37.12 17.21
N SER C 48 1.86 37.78 16.23
CA SER C 48 2.68 38.95 16.54
C SER C 48 1.86 40.11 17.07
N LEU C 49 0.64 40.29 16.58
CA LEU C 49 -0.22 41.39 17.02
C LEU C 49 -1.45 40.92 17.76
N ARG C 50 -2.03 39.81 17.37
CA ARG C 50 -3.27 39.36 17.96
C ARG C 50 -3.30 37.85 17.92
N ILE C 51 -4.19 37.29 18.71
CA ILE C 51 -4.43 35.86 18.72
C ILE C 51 -5.93 35.66 18.74
N ARG C 52 -6.39 34.71 17.95
CA ARG C 52 -7.82 34.55 17.76
C ARG C 52 -8.21 33.09 17.97
N PRO C 53 -9.42 32.87 18.48
CA PRO C 53 -9.91 31.50 18.65
C PRO C 53 -9.88 30.75 17.33
N LEU C 54 -9.48 29.49 17.41
CA LEU C 54 -9.41 28.64 16.23
C LEU C 54 -10.62 27.73 16.16
N LYS C 55 -11.06 27.46 14.94
CA LYS C 55 -12.11 26.50 14.62
C LYS C 55 -11.96 25.21 15.42
N ILE C 56 -13.07 24.71 15.95
CA ILE C 56 -13.06 23.36 16.52
C ILE C 56 -12.75 22.38 15.41
N GLY C 57 -11.73 21.55 15.61
CA GLY C 57 -11.29 20.71 14.52
C GLY C 57 -10.32 21.36 13.57
N ILE C 58 -9.66 22.44 13.98
CA ILE C 58 -8.61 23.04 13.15
C ILE C 58 -7.50 22.03 12.86
N MET C 59 -7.26 21.08 13.77
CA MET C 59 -6.18 20.11 13.55
C MET C 59 -6.41 19.31 12.27
N SER C 60 -7.65 18.88 12.03
CA SER C 60 -7.93 18.10 10.83
C SER C 60 -7.70 18.90 9.56
N ASP C 61 -8.05 20.19 9.56
CA ASP C 61 -7.79 21.04 8.40
C ASP C 61 -6.29 21.17 8.15
N ILE C 62 -5.50 21.32 9.20
CA ILE C 62 -4.07 21.41 9.04
C ILE C 62 -3.52 20.13 8.40
N LEU C 63 -4.02 18.97 8.85
CA LEU C 63 -3.51 17.69 8.39
C LEU C 63 -3.85 17.40 6.93
N GLN C 64 -4.81 18.12 6.34
CA GLN C 64 -5.03 18.01 4.90
C GLN C 64 -3.84 18.55 4.12
N HIS C 65 -2.98 19.34 4.75
CA HIS C 65 -1.76 19.88 4.16
C HIS C 65 -0.52 19.12 4.61
N ALA C 66 -0.70 17.93 5.19
CA ALA C 66 0.41 17.20 5.78
C ALA C 66 1.47 16.83 4.74
N GLU C 67 1.06 16.57 3.49
CA GLU C 67 2.03 16.17 2.47
C GLU C 67 3.05 17.27 2.21
N LYS C 68 2.59 18.51 2.09
CA LYS C 68 3.51 19.64 1.88
C LYS C 68 4.41 19.85 3.09
N ALA C 69 3.90 19.65 4.30
CA ALA C 69 4.75 19.82 5.47
C ALA C 69 5.81 18.74 5.56
N GLU C 70 5.44 17.49 5.25
CA GLU C 70 6.39 16.37 5.36
C GLU C 70 7.57 16.56 4.40
N GLN C 71 7.33 17.19 3.25
CA GLN C 71 8.40 17.34 2.26
C GLN C 71 9.54 18.21 2.77
N VAL C 72 9.26 19.16 3.66
CA VAL C 72 10.27 20.07 4.19
C VAL C 72 10.68 19.70 5.61
N GLY C 73 10.26 18.53 6.08
CA GLY C 73 10.71 17.96 7.33
C GLY C 73 9.77 18.02 8.50
N VAL C 74 8.50 18.35 8.30
CA VAL C 74 7.54 18.50 9.40
C VAL C 74 6.55 17.34 9.34
N SER C 75 6.56 16.52 10.38
CA SER C 75 5.71 15.34 10.47
C SER C 75 4.34 15.71 11.04
N LYS C 76 3.39 14.76 10.91
CA LYS C 76 2.07 14.96 11.49
C LYS C 76 2.13 15.10 12.99
N SER C 77 2.97 14.28 13.64
N SER C 77 2.95 14.28 13.66
CA SER C 77 3.09 14.31 15.09
CA SER C 77 3.04 14.34 15.11
C SER C 77 3.62 15.65 15.59
C SER C 77 3.59 15.69 15.57
N LYS C 78 4.54 16.26 14.85
CA LYS C 78 5.08 17.55 15.23
C LYS C 78 4.09 18.67 14.96
N LEU C 79 3.29 18.55 13.89
CA LEU C 79 2.21 19.51 13.70
C LEU C 79 1.24 19.49 14.87
N ARG C 80 0.88 18.29 15.35
CA ARG C 80 -0.01 18.20 16.51
C ARG C 80 0.62 18.82 17.74
N GLU C 81 1.90 18.51 18.02
CA GLU C 81 2.55 19.11 19.18
C GLU C 81 2.56 20.63 19.10
N ALA C 82 2.79 21.19 17.92
CA ALA C 82 2.80 22.66 17.78
C ALA C 82 1.42 23.24 18.04
N VAL C 83 0.36 22.61 17.53
CA VAL C 83 -1.00 23.09 17.77
C VAL C 83 -1.36 22.97 19.25
N VAL C 84 -0.97 21.85 19.87
CA VAL C 84 -1.17 21.70 21.31
C VAL C 84 -0.46 22.81 22.06
N LEU C 85 0.81 23.06 21.74
CA LEU C 85 1.56 24.12 22.39
C LEU C 85 0.91 25.48 22.17
N PHE C 86 0.55 25.77 20.91
CA PHE C 86 -0.05 27.06 20.58
C PHE C 86 -1.33 27.30 21.37
N THR C 87 -2.20 26.29 21.47
CA THR C 87 -3.50 26.46 22.10
C THR C 87 -3.47 26.23 23.61
N ARG C 88 -2.33 25.88 24.18
CA ARG C 88 -2.15 25.87 25.63
C ARG C 88 -1.65 27.20 26.19
N ARG C 89 -1.19 28.11 25.33
CA ARG C 89 -0.71 29.38 25.84
C ARG C 89 -1.83 30.11 26.56
N LEU C 90 -1.47 30.78 27.65
CA LEU C 90 -2.47 31.46 28.46
C LEU C 90 -3.18 32.54 27.66
N ASP C 91 -2.45 33.22 26.77
CA ASP C 91 -3.03 34.27 25.94
C ASP C 91 -4.02 33.70 24.94
N TYR C 92 -3.82 32.44 24.49
CA TYR C 92 -4.83 31.80 23.68
C TYR C 92 -6.06 31.47 24.50
N LEU C 93 -5.84 30.86 25.67
CA LEU C 93 -6.96 30.49 26.52
C LEU C 93 -7.77 31.72 26.92
N ALA C 94 -7.09 32.85 27.15
CA ALA C 94 -7.78 34.09 27.53
C ALA C 94 -8.62 34.67 26.40
N CYS C 95 -8.28 34.36 25.15
CA CYS C 95 -9.07 34.91 24.04
C CYS C 95 -10.34 34.11 23.79
N LEU C 96 -10.53 32.99 24.48
CA LEU C 96 -11.71 32.14 24.32
C LEU C 96 -12.85 32.68 25.18
N LYS C 97 -13.37 33.83 24.78
CA LYS C 97 -14.50 34.45 25.46
C LYS C 97 -15.79 34.18 24.69
N ALA C 98 -16.90 34.12 25.42
CA ALA C 98 -18.18 33.77 24.80
C ALA C 98 -18.47 34.71 23.64
N ARG C 99 -18.85 34.13 22.49
CA ARG C 99 -19.23 34.82 21.26
C ARG C 99 -18.06 35.47 20.52
N GLU C 100 -16.82 35.20 20.91
CA GLU C 100 -15.69 35.52 20.04
C GLU C 100 -15.74 34.61 18.82
N VAL C 101 -15.17 35.09 17.71
CA VAL C 101 -15.19 34.34 16.46
C VAL C 101 -14.07 33.30 16.46
N ARG C 102 -14.40 32.08 16.06
CA ARG C 102 -13.39 31.10 15.70
C ARG C 102 -13.11 31.21 14.21
N ILE C 103 -11.83 31.19 13.84
CA ILE C 103 -11.43 31.34 12.45
C ILE C 103 -10.91 30.02 11.92
N ASP C 104 -10.95 29.85 10.61
CA ASP C 104 -10.29 28.72 9.97
C ASP C 104 -8.84 29.12 9.66
N LEU C 105 -8.12 28.29 8.90
CA LEU C 105 -6.71 28.55 8.64
C LEU C 105 -6.45 29.82 7.84
N HIS C 106 -7.47 30.35 7.17
CA HIS C 106 -7.31 31.53 6.33
C HIS C 106 -7.98 32.76 6.93
N GLY C 107 -8.31 32.71 8.22
CA GLY C 107 -8.89 33.85 8.89
C GLY C 107 -10.37 34.07 8.63
N ASN C 108 -11.06 33.12 7.98
CA ASN C 108 -12.48 33.29 7.75
C ASN C 108 -13.27 33.00 9.03
N PRO C 109 -14.32 33.77 9.31
CA PRO C 109 -15.15 33.45 10.48
C PRO C 109 -15.96 32.19 10.20
N VAL C 110 -15.87 31.22 11.12
CA VAL C 110 -16.59 29.97 10.94
C VAL C 110 -17.52 29.64 12.09
N ALA C 111 -17.31 30.16 13.29
CA ALA C 111 -18.13 29.82 14.44
C ALA C 111 -17.86 30.83 15.54
N GLU C 112 -18.61 30.69 16.63
CA GLU C 112 -18.46 31.53 17.81
C GLU C 112 -18.19 30.67 19.03
N VAL C 113 -17.36 31.20 19.93
CA VAL C 113 -17.06 30.50 21.18
C VAL C 113 -18.32 30.42 22.04
N THR C 114 -18.62 29.22 22.55
CA THR C 114 -19.79 29.06 23.41
C THR C 114 -19.44 29.42 24.86
N GLU C 115 -20.49 29.59 25.66
CA GLU C 115 -20.26 29.88 27.08
C GLU C 115 -19.56 28.72 27.78
N GLU C 116 -19.93 27.48 27.44
CA GLU C 116 -19.28 26.34 28.08
C GLU C 116 -17.80 26.29 27.72
N GLU C 117 -17.46 26.59 26.46
CA GLU C 117 -16.07 26.63 26.05
C GLU C 117 -15.30 27.75 26.76
N ALA C 118 -15.93 28.92 26.92
CA ALA C 118 -15.27 30.01 27.64
C ALA C 118 -15.02 29.63 29.09
N GLU C 119 -15.99 28.98 29.74
CA GLU C 119 -15.79 28.55 31.13
C GLU C 119 -14.73 27.46 31.22
N ASN C 120 -14.68 26.54 30.26
CA ASN C 120 -13.63 25.54 30.27
C ASN C 120 -12.25 26.18 30.15
N ALA C 121 -12.16 27.25 29.35
CA ALA C 121 -10.89 27.95 29.19
C ALA C 121 -10.48 28.68 30.46
N SER C 122 -11.43 29.35 31.12
CA SER C 122 -11.13 30.01 32.38
C SER C 122 -10.62 29.01 33.41
N MET C 123 -11.32 27.88 33.55
CA MET C 123 -10.91 26.85 34.50
C MET C 123 -9.48 26.36 34.21
N LYS C 124 -9.13 26.23 32.93
CA LYS C 124 -7.78 25.81 32.58
C LYS C 124 -6.73 26.85 32.98
N ILE C 125 -7.03 28.14 32.78
CA ILE C 125 -6.10 29.19 33.19
C ILE C 125 -5.92 29.14 34.70
N LYS C 126 -7.02 28.97 35.44
CA LYS C 126 -6.99 28.97 36.90
C LYS C 126 -6.13 27.84 37.45
N LYS C 127 -6.09 26.70 36.75
CA LYS C 127 -5.27 25.59 37.20
C LYS C 127 -3.78 25.87 37.05
N ARG C 128 -3.40 26.76 36.13
CA ARG C 128 -1.99 27.05 35.87
C ARG C 128 -1.55 28.40 36.43
N LYS D 23 -22.20 -18.42 27.93
CA LYS D 23 -20.97 -17.85 27.39
C LYS D 23 -21.15 -17.51 25.91
N ASN D 24 -21.56 -18.50 25.13
CA ASN D 24 -21.83 -18.25 23.71
C ASN D 24 -23.05 -17.36 23.52
N GLN D 25 -24.06 -17.51 24.38
CA GLN D 25 -25.29 -16.74 24.25
C GLN D 25 -25.09 -15.29 24.71
N SER D 26 -24.29 -15.08 25.75
CA SER D 26 -24.03 -13.71 26.19
C SER D 26 -23.17 -12.94 25.20
N LYS D 27 -22.34 -13.66 24.43
CA LYS D 27 -21.55 -12.99 23.39
C LYS D 27 -22.43 -12.59 22.22
N ARG D 28 -23.38 -13.45 21.84
CA ARG D 28 -24.33 -13.07 20.80
C ARG D 28 -25.20 -11.90 21.24
N ALA D 29 -25.54 -11.83 22.53
CA ALA D 29 -26.28 -10.68 23.04
C ALA D 29 -25.44 -9.41 22.96
N ARG D 30 -24.14 -9.53 23.24
CA ARG D 30 -23.25 -8.39 23.11
C ARG D 30 -23.16 -7.94 21.65
N SER D 31 -23.00 -8.88 20.72
CA SER D 31 -23.00 -8.55 19.30
C SER D 31 -24.31 -7.88 18.89
N ASP D 32 -25.44 -8.40 19.40
CA ASP D 32 -26.73 -7.79 19.10
C ASP D 32 -26.77 -6.33 19.58
N ALA D 33 -26.21 -6.07 20.76
CA ALA D 33 -26.16 -4.70 21.27
C ALA D 33 -25.33 -3.80 20.36
N LEU D 34 -24.21 -4.32 19.85
CA LEU D 34 -23.39 -3.51 18.96
C LEU D 34 -24.12 -3.24 17.65
N LEU D 35 -24.82 -4.24 17.11
CA LEU D 35 -25.59 -4.01 15.88
C LEU D 35 -26.70 -2.99 16.11
N TRP D 36 -27.37 -3.07 17.26
CA TRP D 36 -28.39 -2.07 17.57
C TRP D 36 -27.78 -0.67 17.66
N LEU D 37 -26.60 -0.56 18.27
CA LEU D 37 -25.93 0.74 18.34
C LEU D 37 -25.55 1.23 16.95
N ALA D 38 -25.03 0.34 16.11
CA ALA D 38 -24.67 0.74 14.75
C ALA D 38 -25.89 1.13 13.94
N ALA D 39 -27.03 0.46 14.16
CA ALA D 39 -28.24 0.76 13.40
C ALA D 39 -28.91 2.05 13.87
N ASN D 40 -28.85 2.34 15.17
CA ASN D 40 -29.55 3.50 15.72
C ASN D 40 -28.69 4.74 15.82
N PHE D 41 -27.37 4.58 15.98
CA PHE D 41 -26.45 5.72 16.03
C PHE D 41 -25.28 5.44 15.09
N PRO D 42 -25.55 5.37 13.78
CA PRO D 42 -24.46 5.02 12.84
C PRO D 42 -23.36 6.06 12.77
N GLU D 43 -23.66 7.34 13.04
CA GLU D 43 -22.60 8.34 13.08
C GLU D 43 -21.50 7.97 14.06
N ALA D 44 -21.86 7.33 15.17
CA ALA D 44 -20.89 6.98 16.20
C ALA D 44 -20.34 5.57 16.07
N PHE D 45 -21.16 4.61 15.65
CA PHE D 45 -20.83 3.20 15.77
C PHE D 45 -20.78 2.44 14.46
N ASP D 46 -20.97 3.11 13.32
CA ASP D 46 -20.79 2.48 12.01
C ASP D 46 -19.33 2.70 11.58
N ASN D 47 -18.51 1.65 11.70
CA ASN D 47 -17.08 1.77 11.43
C ASN D 47 -16.69 1.24 10.05
N SER D 48 -17.61 1.25 9.07
CA SER D 48 -17.29 0.72 7.76
C SER D 48 -16.24 1.57 7.03
N LEU D 49 -16.27 2.88 7.22
CA LEU D 49 -15.28 3.73 6.56
C LEU D 49 -14.34 4.42 7.52
N ARG D 50 -14.85 4.84 8.66
CA ARG D 50 -14.05 5.62 9.59
C ARG D 50 -14.52 5.33 10.99
N ILE D 51 -13.70 5.72 11.94
CA ILE D 51 -14.02 5.64 13.36
C ILE D 51 -13.55 6.94 13.96
N ARG D 52 -14.37 7.52 14.82
CA ARG D 52 -14.07 8.84 15.33
C ARG D 52 -14.17 8.85 16.84
N PRO D 53 -13.37 9.69 17.51
CA PRO D 53 -13.43 9.79 18.97
C PRO D 53 -14.84 10.10 19.44
N LEU D 54 -15.25 9.46 20.53
CA LEU D 54 -16.59 9.64 21.07
C LEU D 54 -16.56 10.59 22.26
N LYS D 55 -17.62 11.39 22.39
CA LYS D 55 -17.85 12.26 23.53
C LYS D 55 -17.52 11.57 24.86
N ILE D 56 -16.80 12.27 25.73
CA ILE D 56 -16.63 11.78 27.10
C ILE D 56 -18.00 11.74 27.75
N GLY D 57 -18.37 10.58 28.28
CA GLY D 57 -19.73 10.38 28.79
C GLY D 57 -20.75 9.94 27.75
N ILE D 58 -20.30 9.40 26.62
CA ILE D 58 -21.21 8.91 25.59
C ILE D 58 -22.12 7.82 26.15
N MET D 59 -21.65 7.07 27.14
CA MET D 59 -22.45 5.99 27.71
C MET D 59 -23.75 6.53 28.29
N SER D 60 -23.69 7.66 28.99
CA SER D 60 -24.90 8.23 29.60
C SER D 60 -25.91 8.63 28.54
N ASP D 61 -25.43 9.17 27.42
CA ASP D 61 -26.33 9.51 26.32
C ASP D 61 -26.99 8.27 25.73
N ILE D 62 -26.24 7.18 25.62
CA ILE D 62 -26.79 5.93 25.09
C ILE D 62 -27.87 5.39 26.02
N LEU D 63 -27.63 5.44 27.33
CA LEU D 63 -28.57 4.84 28.28
C LEU D 63 -29.88 5.60 28.36
N GLN D 64 -29.93 6.85 27.88
CA GLN D 64 -31.21 7.53 27.76
C GLN D 64 -32.13 6.86 26.74
N HIS D 65 -31.58 6.01 25.87
CA HIS D 65 -32.39 5.25 24.92
C HIS D 65 -32.61 3.81 25.36
N ALA D 66 -32.41 3.50 26.64
CA ALA D 66 -32.48 2.12 27.10
C ALA D 66 -33.84 1.51 26.85
N GLU D 67 -34.91 2.28 27.07
CA GLU D 67 -36.25 1.76 26.88
C GLU D 67 -36.48 1.35 25.44
N LYS D 68 -36.00 2.14 24.49
CA LYS D 68 -36.11 1.75 23.09
C LYS D 68 -35.34 0.46 22.84
N ALA D 69 -34.19 0.30 23.49
CA ALA D 69 -33.39 -0.92 23.31
C ALA D 69 -34.03 -2.12 24.02
N GLU D 70 -34.59 -1.90 25.22
CA GLU D 70 -35.18 -3.01 25.97
C GLU D 70 -36.36 -3.62 25.23
N GLN D 71 -37.08 -2.82 24.43
CA GLN D 71 -38.24 -3.33 23.73
C GLN D 71 -37.86 -4.39 22.70
N VAL D 72 -36.64 -4.34 22.18
CA VAL D 72 -36.15 -5.29 21.19
C VAL D 72 -35.16 -6.29 21.79
N GLY D 73 -35.01 -6.31 23.11
CA GLY D 73 -34.25 -7.35 23.76
C GLY D 73 -32.83 -7.00 24.13
N VAL D 74 -32.47 -5.72 24.11
CA VAL D 74 -31.11 -5.27 24.37
C VAL D 74 -31.10 -4.56 25.72
N SER D 75 -30.36 -5.11 26.67
CA SER D 75 -30.34 -4.60 28.04
C SER D 75 -29.33 -3.47 28.19
N LYS D 76 -29.46 -2.73 29.30
CA LYS D 76 -28.46 -1.72 29.63
C LYS D 76 -27.10 -2.35 29.88
N SER D 77 -27.07 -3.54 30.47
N SER D 77 -27.08 -3.54 30.48
CA SER D 77 -25.80 -4.20 30.74
CA SER D 77 -25.81 -4.21 30.74
C SER D 77 -25.08 -4.57 29.45
C SER D 77 -25.08 -4.55 29.44
N LYS D 78 -25.83 -5.01 28.44
CA LYS D 78 -25.21 -5.37 27.16
C LYS D 78 -24.83 -4.14 26.35
N LEU D 79 -25.61 -3.06 26.48
CA LEU D 79 -25.20 -1.80 25.86
C LEU D 79 -23.85 -1.34 26.40
N ARG D 80 -23.66 -1.43 27.73
CA ARG D 80 -22.39 -1.04 28.33
C ARG D 80 -21.25 -1.91 27.81
N GLU D 81 -21.46 -3.23 27.79
CA GLU D 81 -20.45 -4.15 27.28
C GLU D 81 -20.13 -3.87 25.81
N ALA D 82 -21.15 -3.56 24.99
CA ALA D 82 -20.90 -3.29 23.59
C ALA D 82 -20.07 -2.03 23.40
N VAL D 83 -20.36 -0.98 24.16
CA VAL D 83 -19.57 0.25 24.07
C VAL D 83 -18.14 0.00 24.53
N VAL D 84 -17.97 -0.76 25.61
CA VAL D 84 -16.63 -1.12 26.08
C VAL D 84 -15.88 -1.86 24.98
N LEU D 85 -16.54 -2.85 24.36
CA LEU D 85 -15.90 -3.59 23.27
C LEU D 85 -15.55 -2.66 22.11
N PHE D 86 -16.49 -1.82 21.69
CA PHE D 86 -16.23 -0.93 20.56
C PHE D 86 -15.03 -0.03 20.83
N THR D 87 -14.94 0.52 22.03
CA THR D 87 -13.91 1.50 22.34
C THR D 87 -12.61 0.89 22.86
N ARG D 88 -12.55 -0.44 23.03
CA ARG D 88 -11.29 -1.10 23.33
C ARG D 88 -10.55 -1.53 22.07
N ARG D 89 -11.19 -1.50 20.91
CA ARG D 89 -10.54 -1.90 19.67
C ARG D 89 -9.34 -1.00 19.39
N LEU D 90 -8.29 -1.58 18.81
CA LEU D 90 -7.07 -0.83 18.55
C LEU D 90 -7.32 0.33 17.61
N ASP D 91 -8.19 0.13 16.61
CA ASP D 91 -8.49 1.20 15.68
C ASP D 91 -9.25 2.33 16.36
N TYR D 92 -10.02 2.04 17.40
CA TYR D 92 -10.60 3.14 18.15
C TYR D 92 -9.53 3.88 18.95
N LEU D 93 -8.70 3.13 19.68
CA LEU D 93 -7.62 3.76 20.45
C LEU D 93 -6.71 4.57 19.54
N ALA D 94 -6.48 4.10 18.31
CA ALA D 94 -5.62 4.80 17.38
C ALA D 94 -6.23 6.12 16.89
N CYS D 95 -7.55 6.26 16.92
CA CYS D 95 -8.13 7.51 16.43
C CYS D 95 -8.13 8.61 17.49
N LEU D 96 -7.78 8.27 18.74
CA LEU D 96 -7.72 9.22 19.85
C LEU D 96 -6.38 9.96 19.83
N LYS D 97 -6.19 10.77 18.79
CA LYS D 97 -4.99 11.58 18.67
C LYS D 97 -5.29 13.02 19.10
N ALA D 98 -4.27 13.70 19.60
CA ALA D 98 -4.45 15.01 20.20
C ALA D 98 -5.14 15.97 19.23
N ARG D 99 -6.19 16.65 19.72
CA ARG D 99 -6.95 17.65 18.98
C ARG D 99 -7.83 17.07 17.88
N GLU D 100 -8.00 15.75 17.81
CA GLU D 100 -9.08 15.20 17.02
C GLU D 100 -10.41 15.56 17.68
N VAL D 101 -11.48 15.63 16.87
CA VAL D 101 -12.82 16.01 17.36
C VAL D 101 -13.51 14.79 17.96
N ARG D 102 -14.10 14.96 19.14
CA ARG D 102 -15.04 13.99 19.69
C ARG D 102 -16.45 14.31 19.24
N ILE D 103 -17.21 13.28 18.88
CA ILE D 103 -18.58 13.45 18.41
C ILE D 103 -19.57 12.88 19.42
N ASP D 104 -20.82 13.39 19.37
CA ASP D 104 -21.91 12.80 20.13
C ASP D 104 -22.55 11.68 19.30
N LEU D 105 -23.67 11.12 19.76
CA LEU D 105 -24.26 9.96 19.08
C LEU D 105 -24.73 10.28 17.67
N HIS D 106 -24.89 11.56 17.33
CA HIS D 106 -25.39 11.95 16.02
C HIS D 106 -24.30 12.62 15.17
N GLY D 107 -23.04 12.45 15.54
CA GLY D 107 -21.94 12.99 14.76
C GLY D 107 -21.66 14.47 14.92
N ASN D 108 -22.30 15.13 15.87
CA ASN D 108 -22.00 16.54 16.07
C ASN D 108 -20.69 16.70 16.83
N PRO D 109 -19.86 17.67 16.45
CA PRO D 109 -18.62 17.90 17.19
C PRO D 109 -18.93 18.48 18.57
N VAL D 110 -18.37 17.89 19.62
CA VAL D 110 -18.64 18.35 20.98
C VAL D 110 -17.38 18.72 21.75
N ALA D 111 -16.21 18.22 21.38
CA ALA D 111 -14.98 18.49 22.11
C ALA D 111 -13.79 18.08 21.26
N GLU D 112 -12.58 18.33 21.77
CA GLU D 112 -11.33 17.92 21.13
C GLU D 112 -10.56 17.04 22.11
N VAL D 113 -9.87 16.03 21.57
CA VAL D 113 -9.07 15.11 22.38
C VAL D 113 -7.89 15.88 22.99
N THR D 114 -7.67 15.70 24.29
CA THR D 114 -6.58 16.37 24.97
C THR D 114 -5.26 15.60 24.78
N GLU D 115 -4.17 16.27 25.13
CA GLU D 115 -2.86 15.63 25.05
C GLU D 115 -2.78 14.41 25.97
N GLU D 116 -3.33 14.52 27.17
CA GLU D 116 -3.29 13.40 28.11
C GLU D 116 -4.13 12.23 27.62
N GLU D 117 -5.31 12.51 27.04
CA GLU D 117 -6.14 11.44 26.51
C GLU D 117 -5.43 10.73 25.36
N ALA D 118 -4.76 11.48 24.50
CA ALA D 118 -4.01 10.90 23.40
C ALA D 118 -2.87 10.02 23.91
N GLU D 119 -2.17 10.47 24.95
CA GLU D 119 -1.08 9.71 25.54
C GLU D 119 -1.58 8.43 26.22
N ASN D 120 -2.72 8.50 26.89
CA ASN D 120 -3.28 7.30 27.52
C ASN D 120 -3.68 6.27 26.48
N ALA D 121 -4.24 6.72 25.36
CA ALA D 121 -4.64 5.79 24.31
C ALA D 121 -3.42 5.06 23.72
N SER D 122 -2.36 5.81 23.40
CA SER D 122 -1.21 5.18 22.77
C SER D 122 -0.52 4.20 23.73
N MET D 123 -0.48 4.54 25.02
CA MET D 123 0.06 3.59 26.01
C MET D 123 -0.80 2.34 26.09
N LYS D 124 -2.12 2.48 25.98
CA LYS D 124 -2.98 1.30 26.01
C LYS D 124 -2.67 0.42 24.80
N ILE D 125 -2.48 1.02 23.63
CA ILE D 125 -2.12 0.22 22.46
C ILE D 125 -0.78 -0.46 22.70
N LYS D 126 0.21 0.29 23.19
CA LYS D 126 1.53 -0.27 23.40
C LYS D 126 1.49 -1.41 24.42
N LYS D 127 0.65 -1.28 25.44
CA LYS D 127 0.50 -2.33 26.44
C LYS D 127 -0.22 -3.54 25.85
N ARG D 128 -1.23 -3.32 25.02
CA ARG D 128 -1.97 -4.42 24.41
C ARG D 128 -1.06 -5.30 23.56
N VAL D 129 -0.23 -4.68 22.70
CA VAL D 129 0.59 -5.43 21.75
C VAL D 129 1.92 -5.87 22.35
N GLU D 130 2.20 -5.56 23.61
CA GLU D 130 3.49 -5.90 24.21
C GLU D 130 3.58 -7.38 24.62
N LYS E 27 40.37 7.03 19.65
CA LYS E 27 39.90 5.67 19.41
C LYS E 27 39.52 4.98 20.72
N ARG E 28 39.54 3.65 20.72
CA ARG E 28 39.21 2.82 21.87
C ARG E 28 37.75 2.96 22.28
N ALA E 29 37.26 4.20 22.42
CA ALA E 29 35.83 4.40 22.57
C ALA E 29 35.06 4.00 21.32
N ARG E 30 35.75 3.93 20.17
CA ARG E 30 35.15 3.35 18.97
C ARG E 30 34.88 1.87 19.15
N SER E 31 35.75 1.15 19.88
CA SER E 31 35.48 -0.24 20.18
C SER E 31 34.28 -0.39 21.10
N ASP E 32 34.17 0.47 22.11
CA ASP E 32 33.00 0.45 22.99
C ASP E 32 31.71 0.63 22.19
N ALA E 33 31.73 1.49 21.18
CA ALA E 33 30.55 1.68 20.35
C ALA E 33 30.24 0.42 19.54
N LEU E 34 31.27 -0.23 18.99
CA LEU E 34 31.04 -1.44 18.21
C LEU E 34 30.53 -2.58 19.08
N LEU E 35 31.07 -2.72 20.30
CA LEU E 35 30.54 -3.73 21.22
C LEU E 35 29.09 -3.45 21.57
N TRP E 36 28.76 -2.17 21.79
CA TRP E 36 27.38 -1.81 22.08
C TRP E 36 26.47 -2.18 20.91
N LEU E 37 26.93 -1.92 19.68
CA LEU E 37 26.14 -2.30 18.51
C LEU E 37 25.99 -3.81 18.40
N ALA E 38 27.07 -4.55 18.62
CA ALA E 38 27.01 -6.01 18.56
C ALA E 38 26.11 -6.57 19.66
N ALA E 39 26.14 -5.95 20.84
CA ALA E 39 25.36 -6.46 21.97
C ALA E 39 23.87 -6.17 21.83
N ASN E 40 23.51 -5.01 21.27
CA ASN E 40 22.11 -4.62 21.19
C ASN E 40 21.43 -5.02 19.89
N PHE E 41 22.19 -5.14 18.79
CA PHE E 41 21.65 -5.56 17.50
C PHE E 41 22.53 -6.65 16.90
N PRO E 42 22.57 -7.83 17.54
CA PRO E 42 23.49 -8.88 17.09
C PRO E 42 23.17 -9.42 15.69
N GLU E 43 21.91 -9.39 15.26
CA GLU E 43 21.57 -9.82 13.91
C GLU E 43 22.33 -9.01 12.86
N ALA E 44 22.58 -7.72 13.12
CA ALA E 44 23.26 -6.86 12.17
C ALA E 44 24.77 -6.78 12.43
N PHE E 45 25.19 -6.75 13.69
CA PHE E 45 26.57 -6.42 13.98
C PHE E 45 27.34 -7.49 14.73
N ASP E 46 26.74 -8.63 15.05
CA ASP E 46 27.51 -9.76 15.58
C ASP E 46 27.90 -10.60 14.38
N ASN E 47 29.14 -10.43 13.91
CA ASN E 47 29.65 -11.08 12.72
C ASN E 47 30.50 -12.30 13.03
N SER E 48 30.23 -12.97 14.16
CA SER E 48 31.03 -14.14 14.54
C SER E 48 30.86 -15.29 13.56
N LEU E 49 29.67 -15.47 12.99
CA LEU E 49 29.41 -16.56 12.05
C LEU E 49 29.17 -16.10 10.64
N ARG E 50 28.50 -14.96 10.48
CA ARG E 50 28.13 -14.49 9.17
C ARG E 50 28.08 -12.97 9.17
N ILE E 51 28.11 -12.42 7.98
CA ILE E 51 27.95 -10.99 7.80
C ILE E 51 27.03 -10.83 6.60
N ARG E 52 26.10 -9.89 6.73
CA ARG E 52 25.05 -9.67 5.74
C ARG E 52 24.96 -8.20 5.40
N PRO E 53 24.60 -7.87 4.16
CA PRO E 53 24.42 -6.47 3.78
C PRO E 53 23.40 -5.79 4.67
N LEU E 54 23.68 -4.53 5.02
CA LEU E 54 22.80 -3.74 5.89
C LEU E 54 21.94 -2.79 5.07
N LYS E 55 20.72 -2.58 5.53
CA LYS E 55 19.80 -1.59 4.97
C LYS E 55 20.51 -0.29 4.62
N ILE E 56 20.21 0.25 3.44
CA ILE E 56 20.62 1.62 3.13
C ILE E 56 19.99 2.57 4.13
N GLY E 57 20.80 3.39 4.78
CA GLY E 57 20.29 4.21 5.87
C GLY E 57 20.23 3.52 7.21
N ILE E 58 21.01 2.46 7.41
CA ILE E 58 21.03 1.79 8.71
C ILE E 58 21.46 2.77 9.80
N MET E 59 22.28 3.77 9.46
CA MET E 59 22.75 4.73 10.46
C MET E 59 21.58 5.47 11.10
N SER E 60 20.59 5.87 10.30
CA SER E 60 19.45 6.60 10.86
C SER E 60 18.67 5.74 11.85
N ASP E 61 18.53 4.44 11.56
CA ASP E 61 17.85 3.54 12.49
C ASP E 61 18.63 3.42 13.79
N ILE E 62 19.96 3.36 13.71
CA ILE E 62 20.79 3.28 14.91
C ILE E 62 20.64 4.53 15.76
N LEU E 63 20.65 5.69 15.11
CA LEU E 63 20.62 6.95 15.85
C LEU E 63 19.31 7.17 16.57
N GLN E 64 18.25 6.44 16.18
CA GLN E 64 17.02 6.47 16.96
C GLN E 64 17.20 5.84 18.34
N HIS E 65 18.25 5.05 18.53
CA HIS E 65 18.57 4.45 19.82
C HIS E 65 19.71 5.18 20.53
N ALA E 66 20.03 6.40 20.10
CA ALA E 66 21.18 7.12 20.62
C ALA E 66 21.02 7.39 22.11
N GLU E 67 19.79 7.62 22.56
CA GLU E 67 19.54 7.93 23.96
C GLU E 67 19.97 6.78 24.85
N LYS E 68 19.67 5.55 24.45
CA LYS E 68 20.13 4.39 25.21
C LYS E 68 21.66 4.29 25.20
N ALA E 69 22.28 4.66 24.08
CA ALA E 69 23.73 4.58 23.97
C ALA E 69 24.41 5.63 24.84
N GLU E 70 23.85 6.84 24.92
CA GLU E 70 24.47 7.89 25.72
C GLU E 70 24.51 7.49 27.20
N GLN E 71 23.52 6.72 27.65
CA GLN E 71 23.43 6.35 29.06
C GLN E 71 24.61 5.49 29.50
N VAL E 72 25.23 4.75 28.57
CA VAL E 72 26.36 3.89 28.87
C VAL E 72 27.68 4.48 28.36
N GLY E 73 27.66 5.72 27.87
CA GLY E 73 28.88 6.41 27.51
C GLY E 73 29.23 6.40 26.04
N VAL E 74 28.27 6.06 25.18
CA VAL E 74 28.51 5.92 23.75
C VAL E 74 27.80 7.06 23.03
N SER E 75 28.58 7.91 22.35
CA SER E 75 28.06 9.08 21.68
C SER E 75 27.56 8.74 20.28
N LYS E 76 26.81 9.68 19.71
CA LYS E 76 26.39 9.52 18.32
C LYS E 76 27.59 9.46 17.39
N SER E 77 28.58 10.33 17.62
N SER E 77 28.58 10.32 17.61
CA SER E 77 29.77 10.36 16.75
CA SER E 77 29.75 10.35 16.75
C SER E 77 30.50 9.03 16.78
C SER E 77 30.50 9.03 16.78
N LYS E 78 30.63 8.42 17.97
CA LYS E 78 31.34 7.15 18.06
C LYS E 78 30.52 6.01 17.46
N LEU E 79 29.19 6.07 17.57
CA LEU E 79 28.35 5.12 16.87
C LEU E 79 28.58 5.20 15.36
N ARG E 80 28.69 6.41 14.83
CA ARG E 80 28.95 6.58 13.40
C ARG E 80 30.29 5.98 13.01
N GLU E 81 31.34 6.26 13.80
CA GLU E 81 32.66 5.69 13.51
C GLU E 81 32.63 4.17 13.53
N ALA E 82 31.91 3.57 14.48
CA ALA E 82 31.85 2.10 14.55
C ALA E 82 31.17 1.53 13.30
N VAL E 83 30.08 2.14 12.84
CA VAL E 83 29.41 1.66 11.65
C VAL E 83 30.31 1.81 10.43
N VAL E 84 31.04 2.93 10.34
CA VAL E 84 31.98 3.11 9.25
C VAL E 84 33.04 2.02 9.29
N LEU E 85 33.60 1.77 10.47
CA LEU E 85 34.59 0.70 10.60
C LEU E 85 34.00 -0.65 10.21
N PHE E 86 32.80 -0.96 10.73
CA PHE E 86 32.18 -2.25 10.42
C PHE E 86 31.95 -2.40 8.91
N THR E 87 31.46 -1.37 8.24
CA THR E 87 31.08 -1.51 6.83
C THR E 87 32.23 -1.24 5.86
N ARG E 88 33.41 -0.85 6.37
CA ARG E 88 34.59 -0.75 5.51
C ARG E 88 35.43 -2.03 5.49
N ARG E 89 35.13 -2.98 6.38
CA ARG E 89 35.89 -4.23 6.41
C ARG E 89 35.75 -4.98 5.09
N LEU E 90 36.83 -5.64 4.70
CA LEU E 90 36.85 -6.32 3.40
C LEU E 90 35.75 -7.38 3.32
N ASP E 91 35.49 -8.08 4.42
CA ASP E 91 34.46 -9.12 4.41
C ASP E 91 33.07 -8.52 4.26
N TYR E 92 32.84 -7.29 4.75
CA TYR E 92 31.54 -6.67 4.50
C TYR E 92 31.41 -6.29 3.03
N LEU E 93 32.44 -5.66 2.47
CA LEU E 93 32.39 -5.29 1.07
C LEU E 93 32.19 -6.53 0.18
N ALA E 94 32.79 -7.66 0.55
CA ALA E 94 32.64 -8.88 -0.24
C ALA E 94 31.22 -9.45 -0.18
N CYS E 95 30.44 -9.14 0.85
CA CYS E 95 29.09 -9.68 0.91
C CYS E 95 28.11 -8.84 0.12
N LEU E 96 28.52 -7.68 -0.39
CA LEU E 96 27.63 -6.79 -1.15
C LEU E 96 27.60 -7.23 -2.61
N LYS E 97 27.03 -8.41 -2.83
CA LYS E 97 26.88 -8.91 -4.19
C LYS E 97 25.46 -8.68 -4.69
N ALA E 98 25.33 -8.52 -6.00
CA ALA E 98 24.06 -8.12 -6.62
C ALA E 98 22.94 -9.04 -6.18
N ARG E 99 21.82 -8.44 -5.72
CA ARG E 99 20.61 -9.15 -5.35
C ARG E 99 20.74 -9.96 -4.06
N GLU E 100 21.82 -9.78 -3.31
CA GLU E 100 21.84 -10.23 -1.93
C GLU E 100 20.85 -9.39 -1.11
N VAL E 101 20.34 -9.97 -0.04
CA VAL E 101 19.33 -9.31 0.79
C VAL E 101 20.00 -8.38 1.79
N ARG E 102 19.48 -7.15 1.90
CA ARG E 102 19.84 -6.25 3.00
C ARG E 102 18.87 -6.41 4.17
N ILE E 103 19.42 -6.38 5.38
CA ILE E 103 18.65 -6.58 6.59
C ILE E 103 18.60 -5.29 7.40
N ASP E 104 17.58 -5.17 8.24
CA ASP E 104 17.51 -4.09 9.21
C ASP E 104 18.26 -4.49 10.47
N LEU E 105 18.15 -3.69 11.53
CA LEU E 105 18.89 -3.95 12.75
C LEU E 105 18.48 -5.25 13.43
N HIS E 106 17.33 -5.82 13.06
CA HIS E 106 16.84 -7.03 13.69
C HIS E 106 16.88 -8.23 12.74
N GLY E 107 17.63 -8.13 11.66
CA GLY E 107 17.77 -9.24 10.74
C GLY E 107 16.60 -9.45 9.80
N ASN E 108 15.64 -8.50 9.77
CA ASN E 108 14.52 -8.63 8.85
C ASN E 108 14.95 -8.22 7.44
N PRO E 109 14.51 -8.94 6.41
CA PRO E 109 14.88 -8.57 5.04
C PRO E 109 14.12 -7.31 4.63
N VAL E 110 14.84 -6.33 4.12
CA VAL E 110 14.20 -5.07 3.72
C VAL E 110 14.43 -4.70 2.26
N ALA E 111 15.49 -5.18 1.62
CA ALA E 111 15.79 -4.76 0.26
C ALA E 111 16.79 -5.72 -0.34
N GLU E 112 17.13 -5.48 -1.60
CA GLU E 112 18.16 -6.26 -2.29
C GLU E 112 19.26 -5.32 -2.78
N VAL E 113 20.49 -5.82 -2.76
CA VAL E 113 21.64 -5.07 -3.27
C VAL E 113 21.48 -4.87 -4.77
N THR E 114 21.68 -3.63 -5.22
CA THR E 114 21.57 -3.33 -6.64
C THR E 114 22.88 -3.66 -7.35
N GLU E 115 22.81 -3.71 -8.68
CA GLU E 115 24.00 -3.98 -9.48
C GLU E 115 25.05 -2.88 -9.29
N GLU E 116 24.61 -1.62 -9.22
CA GLU E 116 25.58 -0.53 -9.04
C GLU E 116 26.23 -0.59 -7.66
N GLU E 117 25.46 -0.92 -6.62
CA GLU E 117 26.06 -1.07 -5.29
C GLU E 117 27.08 -2.20 -5.27
N ALA E 118 26.77 -3.30 -5.96
CA ALA E 118 27.71 -4.42 -6.02
C ALA E 118 28.99 -4.01 -6.76
N GLU E 119 28.86 -3.27 -7.86
CA GLU E 119 30.03 -2.83 -8.61
C GLU E 119 30.87 -1.85 -7.80
N ASN E 120 30.23 -0.96 -7.05
CA ASN E 120 30.99 -0.01 -6.23
C ASN E 120 31.75 -0.73 -5.14
N ALA E 121 31.16 -1.77 -4.56
CA ALA E 121 31.84 -2.51 -3.51
C ALA E 121 33.03 -3.28 -4.07
N SER E 122 32.89 -3.82 -5.28
CA SER E 122 34.01 -4.53 -5.91
C SER E 122 35.18 -3.60 -6.16
N MET E 123 34.90 -2.40 -6.67
CA MET E 123 35.98 -1.44 -6.90
C MET E 123 36.67 -1.05 -5.60
N LYS E 124 35.91 -0.91 -4.51
CA LYS E 124 36.53 -0.53 -3.24
C LYS E 124 37.47 -1.62 -2.75
N ILE E 125 37.07 -2.89 -2.88
CA ILE E 125 37.97 -3.96 -2.44
C ILE E 125 39.23 -3.95 -3.29
N LYS E 126 39.07 -3.84 -4.62
CA LYS E 126 40.23 -3.86 -5.52
C LYS E 126 41.16 -2.69 -5.22
N LYS E 127 40.61 -1.54 -4.86
CA LYS E 127 41.42 -0.37 -4.56
C LYS E 127 42.18 -0.56 -3.25
N ARG E 128 41.54 -1.12 -2.22
CA ARG E 128 42.22 -1.34 -0.95
C ARG E 128 43.30 -2.41 -1.04
N VAL E 129 43.25 -3.25 -2.07
CA VAL E 129 44.07 -4.46 -2.15
C VAL E 129 45.25 -4.24 -3.10
N GLU E 130 45.08 -3.33 -4.06
CA GLU E 130 46.13 -3.05 -5.04
C GLU E 130 47.41 -2.51 -4.40
N ALA F 29 7.68 -24.49 29.67
CA ALA F 29 6.44 -23.72 29.63
C ALA F 29 5.65 -24.06 28.38
N ARG F 30 6.35 -24.08 27.24
CA ARG F 30 5.71 -24.53 26.01
C ARG F 30 5.47 -26.04 26.04
N SER F 31 6.39 -26.80 26.65
CA SER F 31 6.16 -28.22 26.82
C SER F 31 4.95 -28.51 27.70
N ASP F 32 4.69 -27.63 28.67
CA ASP F 32 3.50 -27.78 29.50
C ASP F 32 2.22 -27.67 28.68
N ALA F 33 2.21 -26.79 27.68
CA ALA F 33 1.02 -26.66 26.85
C ALA F 33 0.82 -27.90 26.00
N LEU F 34 1.90 -28.46 25.46
CA LEU F 34 1.80 -29.66 24.64
C LEU F 34 1.33 -30.86 25.45
N LEU F 35 1.81 -30.98 26.69
CA LEU F 35 1.35 -32.05 27.57
C LEU F 35 -0.13 -31.89 27.90
N TRP F 36 -0.59 -30.65 28.13
CA TRP F 36 -2.00 -30.43 28.36
C TRP F 36 -2.83 -30.81 27.13
N LEU F 37 -2.35 -30.46 25.94
CA LEU F 37 -3.04 -30.83 24.71
C LEU F 37 -3.10 -32.35 24.55
N ALA F 38 -1.98 -33.04 24.82
CA ALA F 38 -1.98 -34.49 24.68
C ALA F 38 -2.92 -35.15 25.66
N ALA F 39 -3.03 -34.61 26.87
CA ALA F 39 -3.88 -35.23 27.89
C ALA F 39 -5.36 -34.97 27.64
N ASN F 40 -5.72 -33.80 27.12
CA ASN F 40 -7.13 -33.45 26.98
C ASN F 40 -7.70 -33.82 25.63
N PHE F 41 -6.89 -33.85 24.57
CA PHE F 41 -7.33 -34.22 23.23
C PHE F 41 -6.35 -35.22 22.65
N PRO F 42 -6.29 -36.44 23.21
CA PRO F 42 -5.31 -37.41 22.74
C PRO F 42 -5.52 -37.85 21.30
N GLU F 43 -6.76 -37.82 20.80
CA GLU F 43 -6.97 -38.17 19.40
C GLU F 43 -6.12 -37.32 18.48
N ALA F 44 -5.94 -36.04 18.82
CA ALA F 44 -5.23 -35.10 17.99
C ALA F 44 -3.77 -34.90 18.40
N PHE F 45 -3.46 -34.90 19.70
CA PHE F 45 -2.14 -34.46 20.13
C PHE F 45 -1.33 -35.49 20.89
N ASP F 46 -1.82 -36.71 21.08
CA ASP F 46 -0.96 -37.77 21.60
C ASP F 46 -0.37 -38.46 20.39
N ASN F 47 0.89 -38.13 20.09
CA ASN F 47 1.60 -38.69 18.95
C ASN F 47 2.60 -39.76 19.36
N SER F 48 2.37 -40.43 20.49
CA SER F 48 3.32 -41.43 20.96
C SER F 48 3.41 -42.61 20.00
N LEU F 49 2.32 -42.93 19.32
CA LEU F 49 2.29 -44.06 18.39
C LEU F 49 2.00 -43.66 16.97
N ARG F 50 1.17 -42.65 16.76
CA ARG F 50 0.74 -42.25 15.43
C ARG F 50 0.46 -40.76 15.46
N ILE F 51 0.40 -40.16 14.27
CA ILE F 51 0.08 -38.75 14.14
C ILE F 51 -0.78 -38.56 12.90
N ARG F 52 -1.77 -37.67 12.98
CA ARG F 52 -2.72 -37.51 11.88
C ARG F 52 -2.89 -36.04 11.56
N PRO F 53 -3.14 -35.70 10.29
CA PRO F 53 -3.36 -34.29 9.93
C PRO F 53 -4.49 -33.67 10.73
N LEU F 54 -4.28 -32.41 11.13
CA LEU F 54 -5.26 -31.68 11.91
C LEU F 54 -6.07 -30.76 11.02
N LYS F 55 -7.35 -30.61 11.36
CA LYS F 55 -8.27 -29.66 10.74
C LYS F 55 -7.61 -28.30 10.54
N ILE F 56 -7.84 -27.70 9.36
CA ILE F 56 -7.50 -26.30 9.18
C ILE F 56 -8.32 -25.48 10.15
N GLY F 57 -7.65 -24.67 10.97
CA GLY F 57 -8.32 -23.99 12.05
C GLY F 57 -8.46 -24.77 13.33
N ILE F 58 -7.64 -25.81 13.53
CA ILE F 58 -7.68 -26.51 14.80
C ILE F 58 -7.36 -25.55 15.95
N MET F 59 -6.57 -24.51 15.69
CA MET F 59 -6.18 -23.58 16.75
C MET F 59 -7.40 -22.92 17.38
N SER F 60 -8.37 -22.51 16.55
CA SER F 60 -9.57 -21.87 17.06
C SER F 60 -10.39 -22.84 17.91
N ASP F 61 -10.45 -24.11 17.49
CA ASP F 61 -11.14 -25.12 18.30
C ASP F 61 -10.46 -25.28 19.66
N ILE F 62 -9.13 -25.26 19.67
CA ILE F 62 -8.37 -25.37 20.92
C ILE F 62 -8.67 -24.19 21.83
N LEU F 63 -8.70 -22.98 21.27
CA LEU F 63 -8.85 -21.78 22.09
C LEU F 63 -10.22 -21.65 22.73
N GLN F 64 -11.23 -22.37 22.24
CA GLN F 64 -12.49 -22.43 22.96
C GLN F 64 -12.34 -23.11 24.32
N HIS F 65 -11.23 -23.82 24.53
CA HIS F 65 -10.90 -24.47 25.79
C HIS F 65 -9.86 -23.67 26.59
N ALA F 66 -9.66 -22.39 26.27
CA ALA F 66 -8.58 -21.63 26.87
C ALA F 66 -8.72 -21.48 28.38
N GLU F 67 -9.95 -21.26 28.87
CA GLU F 67 -10.13 -21.08 30.31
C GLU F 67 -9.75 -22.33 31.09
N LYS F 68 -10.09 -23.51 30.57
CA LYS F 68 -9.65 -24.73 31.25
C LYS F 68 -8.13 -24.80 31.27
N ALA F 69 -7.47 -24.31 30.21
CA ALA F 69 -6.02 -24.30 30.20
C ALA F 69 -5.46 -23.26 31.14
N GLU F 70 -6.08 -22.08 31.21
CA GLU F 70 -5.56 -21.00 32.06
C GLU F 70 -5.60 -21.38 33.54
N GLN F 71 -6.59 -22.17 33.95
CA GLN F 71 -6.71 -22.54 35.36
C GLN F 71 -5.53 -23.39 35.82
N VAL F 72 -4.89 -24.10 34.90
CA VAL F 72 -3.75 -24.95 35.22
C VAL F 72 -2.43 -24.33 34.76
N GLY F 73 -2.46 -23.09 34.29
CA GLY F 73 -1.24 -22.36 33.99
C GLY F 73 -0.85 -22.30 32.53
N VAL F 74 -1.75 -22.65 31.62
CA VAL F 74 -1.45 -22.70 30.19
C VAL F 74 -2.16 -21.54 29.51
N SER F 75 -1.39 -20.62 28.95
CA SER F 75 -1.93 -19.42 28.32
C SER F 75 -2.31 -19.68 26.86
N LYS F 76 -3.05 -18.74 26.28
CA LYS F 76 -3.39 -18.82 24.87
C LYS F 76 -2.14 -18.80 24.01
N SER F 77 -1.19 -17.93 24.35
N SER F 77 -1.19 -17.93 24.35
CA SER F 77 0.04 -17.81 23.55
CA SER F 77 0.03 -17.80 23.54
C SER F 77 0.84 -19.10 23.58
C SER F 77 0.85 -19.09 23.57
N LYS F 78 0.90 -19.77 24.72
CA LYS F 78 1.67 -21.01 24.80
C LYS F 78 0.99 -22.15 24.07
N LEU F 79 -0.35 -22.18 24.06
CA LEU F 79 -1.05 -23.15 23.24
C LEU F 79 -0.69 -22.98 21.77
N ARG F 80 -0.64 -21.73 21.28
CA ARG F 80 -0.26 -21.48 19.89
C ARG F 80 1.16 -21.95 19.61
N GLU F 81 2.10 -21.62 20.50
CA GLU F 81 3.47 -22.08 20.30
C GLU F 81 3.51 -23.61 20.25
N ALA F 82 2.73 -24.27 21.11
CA ALA F 82 2.72 -25.73 21.13
C ALA F 82 2.16 -26.29 19.84
N VAL F 83 1.08 -25.69 19.33
CA VAL F 83 0.51 -26.15 18.07
C VAL F 83 1.48 -25.90 16.92
N VAL F 84 2.12 -24.73 16.91
CA VAL F 84 3.12 -24.45 15.88
C VAL F 84 4.26 -25.47 15.96
N LEU F 85 4.77 -25.70 17.16
CA LEU F 85 5.84 -26.69 17.33
C LEU F 85 5.36 -28.08 16.90
N PHE F 86 4.15 -28.47 17.32
CA PHE F 86 3.63 -29.79 16.99
C PHE F 86 3.58 -29.99 15.48
N THR F 87 3.12 -28.99 14.75
CA THR F 87 2.91 -29.12 13.32
C THR F 87 4.15 -28.81 12.49
N ARG F 88 5.26 -28.42 13.11
CA ARG F 88 6.51 -28.28 12.37
C ARG F 88 7.39 -29.52 12.43
N ARG F 89 7.13 -30.43 13.36
CA ARG F 89 7.95 -31.63 13.48
C ARG F 89 7.84 -32.48 12.22
N LEU F 90 8.94 -33.19 11.92
CA LEU F 90 9.05 -33.93 10.67
C LEU F 90 7.95 -34.99 10.54
N ASP F 91 7.56 -35.62 11.65
CA ASP F 91 6.53 -36.65 11.55
C ASP F 91 5.16 -36.07 11.23
N TYR F 92 4.85 -34.84 11.68
CA TYR F 92 3.59 -34.24 11.27
C TYR F 92 3.64 -33.87 9.79
N LEU F 93 4.73 -33.24 9.35
CA LEU F 93 4.86 -32.87 7.96
C LEU F 93 4.77 -34.09 7.04
N ALA F 94 5.33 -35.22 7.49
CA ALA F 94 5.28 -36.43 6.68
C ALA F 94 3.88 -37.02 6.59
N CYS F 95 3.00 -36.74 7.54
CA CYS F 95 1.65 -37.28 7.48
C CYS F 95 0.73 -36.45 6.59
N LEU F 96 1.19 -35.27 6.14
CA LEU F 96 0.40 -34.40 5.27
C LEU F 96 0.57 -34.83 3.80
N LYS F 97 0.02 -36.01 3.50
CA LYS F 97 0.02 -36.55 2.15
C LYS F 97 -1.34 -36.30 1.50
N ALA F 98 -1.32 -36.15 0.17
CA ALA F 98 -2.52 -35.76 -0.55
C ALA F 98 -3.68 -36.71 -0.26
N ARG F 99 -4.82 -36.13 0.11
CA ARG F 99 -6.10 -36.79 0.36
C ARG F 99 -6.10 -37.64 1.62
N GLU F 100 -5.08 -37.53 2.47
CA GLU F 100 -5.19 -38.04 3.84
C GLU F 100 -6.21 -37.21 4.61
N VAL F 101 -6.86 -37.85 5.57
CA VAL F 101 -7.96 -37.22 6.29
C VAL F 101 -7.43 -36.31 7.39
N ARG F 102 -7.99 -35.10 7.48
CA ARG F 102 -7.77 -34.23 8.62
C ARG F 102 -8.83 -34.50 9.69
N ILE F 103 -8.40 -34.49 10.95
CA ILE F 103 -9.28 -34.79 12.07
C ILE F 103 -9.49 -33.54 12.91
N ASP F 104 -10.59 -33.52 13.66
CA ASP F 104 -10.80 -32.49 14.66
C ASP F 104 -10.18 -32.93 16.00
N LEU F 105 -10.44 -32.18 17.07
CA LEU F 105 -9.81 -32.46 18.36
C LEU F 105 -10.22 -33.81 18.93
N HIS F 106 -11.29 -34.41 18.44
CA HIS F 106 -11.78 -35.69 18.94
C HIS F 106 -11.62 -36.81 17.93
N GLY F 107 -10.78 -36.62 16.92
CA GLY F 107 -10.50 -37.67 15.95
C GLY F 107 -11.55 -37.90 14.89
N ASN F 108 -12.57 -37.02 14.80
CA ASN F 108 -13.58 -37.14 13.76
C ASN F 108 -13.03 -36.63 12.43
N PRO F 109 -13.31 -37.33 11.33
CA PRO F 109 -12.85 -36.86 10.01
C PRO F 109 -13.65 -35.64 9.58
N VAL F 110 -12.94 -34.59 9.17
CA VAL F 110 -13.61 -33.34 8.78
C VAL F 110 -13.26 -32.89 7.36
N ALA F 111 -12.08 -33.27 6.86
CA ALA F 111 -11.66 -32.80 5.54
C ALA F 111 -10.49 -33.66 5.06
N GLU F 112 -10.04 -33.39 3.85
CA GLU F 112 -8.90 -34.09 3.26
C GLU F 112 -7.79 -33.11 2.91
N VAL F 113 -6.55 -33.58 3.06
CA VAL F 113 -5.38 -32.78 2.70
C VAL F 113 -5.38 -32.58 1.18
N THR F 114 -5.18 -31.34 0.75
CA THR F 114 -5.18 -31.03 -0.68
C THR F 114 -3.80 -31.30 -1.28
N GLU F 115 -3.76 -31.32 -2.61
CA GLU F 115 -2.50 -31.55 -3.30
C GLU F 115 -1.48 -30.43 -3.02
N GLU F 116 -1.95 -29.18 -2.96
CA GLU F 116 -1.05 -28.07 -2.68
C GLU F 116 -0.51 -28.14 -1.25
N GLU F 117 -1.37 -28.50 -0.30
CA GLU F 117 -0.92 -28.65 1.09
C GLU F 117 0.11 -29.76 1.22
N ALA F 118 -0.07 -30.85 0.47
CA ALA F 118 0.92 -31.93 0.48
C ALA F 118 2.27 -31.46 -0.08
N GLU F 119 2.25 -30.68 -1.17
CA GLU F 119 3.52 -30.20 -1.73
C GLU F 119 4.22 -29.21 -0.81
N ASN F 120 3.46 -28.34 -0.15
CA ASN F 120 4.06 -27.40 0.78
C ASN F 120 4.74 -28.14 1.94
N ALA F 121 4.11 -29.20 2.43
CA ALA F 121 4.70 -29.98 3.51
C ALA F 121 6.02 -30.60 3.08
N SER F 122 6.03 -31.33 1.96
CA SER F 122 7.25 -32.00 1.52
C SER F 122 8.36 -31.01 1.16
N MET F 123 8.01 -29.76 0.87
CA MET F 123 9.03 -28.74 0.63
C MET F 123 9.69 -28.31 1.94
N LYS F 124 8.91 -28.20 3.01
CA LYS F 124 9.46 -27.84 4.31
C LYS F 124 10.43 -28.91 4.80
N ILE F 125 10.12 -30.17 4.52
CA ILE F 125 10.97 -31.29 4.94
C ILE F 125 12.37 -31.16 4.33
N LYS F 126 12.44 -30.81 3.03
CA LYS F 126 13.73 -30.74 2.36
C LYS F 126 14.65 -29.71 2.99
N LYS F 127 14.10 -28.59 3.45
CA LYS F 127 14.92 -27.57 4.10
C LYS F 127 15.37 -28.02 5.49
N PRO G 2 -24.93 10.45 7.38
CA PRO G 2 -23.97 9.39 7.75
C PRO G 2 -23.10 9.01 6.57
N LEU G 3 -21.79 9.24 6.67
CA LEU G 3 -20.88 9.03 5.56
C LEU G 3 -20.94 7.59 5.09
N GLY G 4 -21.33 7.40 3.82
CA GLY G 4 -21.42 6.10 3.21
C GLY G 4 -22.83 5.52 3.14
N SER G 5 -23.81 6.13 3.82
CA SER G 5 -25.13 5.51 3.93
C SER G 5 -25.81 5.42 2.57
N MET G 6 -25.80 6.51 1.79
CA MET G 6 -26.44 6.48 0.48
C MET G 6 -25.74 5.52 -0.46
N ARG G 7 -24.40 5.50 -0.44
CA ARG G 7 -23.68 4.55 -1.29
C ARG G 7 -23.96 3.12 -0.89
N LYS G 8 -24.00 2.82 0.41
CA LYS G 8 -24.29 1.47 0.88
C LYS G 8 -25.65 0.99 0.40
N GLN G 9 -26.68 1.84 0.57
CA GLN G 9 -28.01 1.49 0.10
C GLN G 9 -28.01 1.19 -1.39
N ALA G 10 -27.33 2.03 -2.17
CA ALA G 10 -27.35 1.87 -3.62
C ALA G 10 -26.45 0.72 -4.09
N LEU G 11 -25.40 0.39 -3.34
CA LEU G 11 -24.50 -0.69 -3.73
C LEU G 11 -25.05 -2.08 -3.43
N HIS G 12 -26.26 -2.18 -2.87
CA HIS G 12 -26.92 -3.45 -2.59
C HIS G 12 -26.97 -4.29 -3.86
N PRO G 13 -26.23 -5.41 -3.92
CA PRO G 13 -26.17 -6.28 -5.11
C PRO G 13 -27.39 -7.16 -5.27
N LYS G 20 -19.23 -16.71 -14.49
CA LYS G 20 -18.81 -17.82 -15.34
C LYS G 20 -17.29 -17.96 -15.42
N ALA G 21 -16.69 -18.51 -14.37
CA ALA G 21 -15.24 -18.68 -14.36
C ALA G 21 -14.77 -19.72 -15.38
N GLN G 22 -15.63 -20.66 -15.77
CA GLN G 22 -15.21 -21.74 -16.67
C GLN G 22 -14.72 -21.19 -18.00
N LYS G 23 -15.24 -20.05 -18.44
CA LYS G 23 -14.91 -19.50 -19.74
C LYS G 23 -13.66 -18.62 -19.71
N ASN G 24 -12.74 -18.89 -18.78
CA ASN G 24 -11.36 -18.45 -18.94
C ASN G 24 -10.59 -19.35 -19.90
N GLN G 25 -11.26 -20.36 -20.47
CA GLN G 25 -10.74 -21.04 -21.65
C GLN G 25 -10.49 -20.05 -22.78
N SER G 26 -11.20 -18.91 -22.78
CA SER G 26 -10.88 -17.83 -23.69
C SER G 26 -9.43 -17.38 -23.52
N LYS G 27 -8.98 -17.21 -22.27
CA LYS G 27 -7.61 -16.81 -22.04
C LYS G 27 -6.63 -17.93 -22.40
N ARG G 28 -7.01 -19.18 -22.13
CA ARG G 28 -6.16 -20.30 -22.51
C ARG G 28 -6.04 -20.43 -24.03
N ALA G 29 -7.10 -20.09 -24.76
CA ALA G 29 -7.02 -20.09 -26.22
C ALA G 29 -6.08 -19.01 -26.72
N ARG G 30 -6.10 -17.84 -26.08
CA ARG G 30 -5.13 -16.81 -26.42
C ARG G 30 -3.71 -17.29 -26.13
N SER G 31 -3.51 -17.92 -24.98
CA SER G 31 -2.19 -18.46 -24.66
C SER G 31 -1.77 -19.51 -25.67
N ASP G 32 -2.66 -20.44 -26.01
CA ASP G 32 -2.37 -21.41 -27.06
C ASP G 32 -1.93 -20.72 -28.34
N ALA G 33 -2.64 -19.64 -28.72
CA ALA G 33 -2.28 -18.91 -29.93
C ALA G 33 -0.89 -18.29 -29.80
N LEU G 34 -0.55 -17.76 -28.61
CA LEU G 34 0.77 -17.18 -28.42
C LEU G 34 1.86 -18.25 -28.45
N LEU G 35 1.61 -19.42 -27.84
CA LEU G 35 2.58 -20.50 -27.91
C LEU G 35 2.73 -21.00 -29.35
N TRP G 36 1.62 -21.08 -30.09
CA TRP G 36 1.69 -21.49 -31.49
C TRP G 36 2.53 -20.52 -32.31
N LEU G 37 2.38 -19.22 -32.05
CA LEU G 37 3.19 -18.22 -32.75
C LEU G 37 4.67 -18.35 -32.41
N ALA G 38 4.97 -18.54 -31.12
CA ALA G 38 6.37 -18.69 -30.72
C ALA G 38 6.97 -19.96 -31.30
N ALA G 39 6.18 -21.03 -31.41
CA ALA G 39 6.72 -22.28 -31.90
C ALA G 39 6.93 -22.24 -33.41
N ASN G 40 6.04 -21.56 -34.14
CA ASN G 40 6.11 -21.58 -35.59
C ASN G 40 6.90 -20.42 -36.17
N PHE G 41 6.97 -19.30 -35.45
CA PHE G 41 7.72 -18.12 -35.90
C PHE G 41 8.58 -17.62 -34.75
N PRO G 42 9.57 -18.41 -34.32
CA PRO G 42 10.35 -18.00 -33.14
C PRO G 42 11.17 -16.73 -33.34
N GLU G 43 11.60 -16.44 -34.58
CA GLU G 43 12.34 -15.20 -34.80
C GLU G 43 11.54 -13.98 -34.37
N ALA G 44 10.22 -14.01 -34.54
CA ALA G 44 9.36 -12.89 -34.20
C ALA G 44 8.77 -12.99 -32.81
N PHE G 45 8.42 -14.19 -32.35
CA PHE G 45 7.58 -14.35 -31.17
C PHE G 45 8.19 -15.15 -30.03
N ASP G 46 9.44 -15.57 -30.15
CA ASP G 46 10.13 -16.18 -29.02
C ASP G 46 10.88 -15.08 -28.27
N ASN G 47 10.36 -14.68 -27.12
CA ASN G 47 10.90 -13.57 -26.34
C ASN G 47 11.77 -14.03 -25.17
N SER G 48 12.38 -15.22 -25.25
CA SER G 48 13.16 -15.72 -24.12
C SER G 48 14.39 -14.86 -23.86
N LEU G 49 15.04 -14.38 -24.91
CA LEU G 49 16.25 -13.58 -24.76
C LEU G 49 16.12 -12.17 -25.27
N ARG G 50 15.38 -11.98 -26.36
CA ARG G 50 15.31 -10.67 -26.97
C ARG G 50 13.95 -10.51 -27.61
N ILE G 51 13.63 -9.26 -27.89
CA ILE G 51 12.40 -8.92 -28.55
C ILE G 51 12.77 -7.84 -29.56
N ARG G 52 12.20 -7.93 -30.75
CA ARG G 52 12.57 -7.04 -31.84
C ARG G 52 11.32 -6.45 -32.46
N PRO G 53 11.40 -5.23 -32.97
CA PRO G 53 10.24 -4.61 -33.62
C PRO G 53 9.71 -5.49 -34.76
N LEU G 54 8.39 -5.54 -34.87
CA LEU G 54 7.75 -6.35 -35.89
C LEU G 54 7.30 -5.48 -37.08
N LYS G 55 7.37 -6.07 -38.26
CA LYS G 55 6.86 -5.50 -39.50
C LYS G 55 5.46 -4.89 -39.30
N ILE G 56 5.25 -3.69 -39.82
CA ILE G 56 3.90 -3.16 -39.91
C ILE G 56 3.11 -4.09 -40.82
N GLY G 57 1.99 -4.59 -40.31
CA GLY G 57 1.27 -5.62 -41.04
C GLY G 57 1.73 -7.03 -40.77
N ILE G 58 2.41 -7.27 -39.66
CA ILE G 58 2.79 -8.64 -39.33
C ILE G 58 1.53 -9.50 -39.20
N MET G 59 0.41 -8.88 -38.79
CA MET G 59 -0.84 -9.63 -38.62
C MET G 59 -1.26 -10.30 -39.94
N SER G 60 -1.13 -9.57 -41.05
CA SER G 60 -1.55 -10.14 -42.33
C SER G 60 -0.68 -11.33 -42.72
N ASP G 61 0.62 -11.26 -42.48
CA ASP G 61 1.50 -12.38 -42.78
C ASP G 61 1.13 -13.59 -41.94
N ILE G 62 0.78 -13.38 -40.67
CA ILE G 62 0.37 -14.48 -39.82
C ILE G 62 -0.91 -15.12 -40.36
N LEU G 63 -1.87 -14.31 -40.79
CA LEU G 63 -3.15 -14.83 -41.24
C LEU G 63 -3.05 -15.61 -42.54
N GLN G 64 -1.95 -15.46 -43.29
CA GLN G 64 -1.71 -16.35 -44.43
C GLN G 64 -1.50 -17.78 -43.98
N HIS G 65 -1.17 -18.00 -42.71
CA HIS G 65 -0.99 -19.33 -42.15
C HIS G 65 -2.19 -19.75 -41.31
N ALA G 66 -3.34 -19.07 -41.47
CA ALA G 66 -4.48 -19.33 -40.59
C ALA G 66 -4.98 -20.76 -40.70
N GLU G 67 -4.94 -21.33 -41.91
CA GLU G 67 -5.41 -22.69 -42.11
C GLU G 67 -4.53 -23.69 -41.36
N LYS G 68 -3.22 -23.45 -41.35
CA LYS G 68 -2.32 -24.29 -40.56
C LYS G 68 -2.62 -24.16 -39.08
N ALA G 69 -2.98 -22.95 -38.63
CA ALA G 69 -3.36 -22.76 -37.24
C ALA G 69 -4.73 -23.37 -36.96
N GLU G 70 -5.66 -23.26 -37.93
CA GLU G 70 -7.02 -23.74 -37.73
C GLU G 70 -7.06 -25.24 -37.47
N GLN G 71 -6.16 -26.00 -38.09
CA GLN G 71 -6.17 -27.45 -37.95
C GLN G 71 -5.85 -27.90 -36.53
N VAL G 72 -5.14 -27.08 -35.76
CA VAL G 72 -4.77 -27.42 -34.39
C VAL G 72 -5.63 -26.69 -33.37
N GLY G 73 -6.66 -25.97 -33.81
CA GLY G 73 -7.63 -25.38 -32.91
C GLY G 73 -7.45 -23.91 -32.61
N VAL G 74 -6.63 -23.21 -33.39
CA VAL G 74 -6.33 -21.80 -33.15
C VAL G 74 -7.00 -20.98 -34.24
N SER G 75 -7.95 -20.13 -33.85
CA SER G 75 -8.72 -19.35 -34.81
C SER G 75 -7.98 -18.07 -35.17
N LYS G 76 -8.45 -17.41 -36.23
CA LYS G 76 -7.90 -16.11 -36.60
C LYS G 76 -8.13 -15.07 -35.51
N SER G 77 -9.27 -15.14 -34.83
N SER G 77 -9.28 -15.14 -34.82
N SER G 77 -9.28 -15.13 -34.83
CA SER G 77 -9.58 -14.17 -33.78
CA SER G 77 -9.57 -14.16 -33.78
CA SER G 77 -9.57 -14.16 -33.78
C SER G 77 -8.59 -14.27 -32.62
C SER G 77 -8.59 -14.27 -32.62
C SER G 77 -8.59 -14.27 -32.62
N LYS G 78 -8.16 -15.50 -32.28
CA LYS G 78 -7.21 -15.67 -31.19
C LYS G 78 -5.80 -15.33 -31.60
N LEU G 79 -5.43 -15.59 -32.85
CA LEU G 79 -4.12 -15.15 -33.35
C LEU G 79 -4.00 -13.64 -33.25
N ARG G 80 -5.07 -12.94 -33.63
CA ARG G 80 -5.11 -11.48 -33.52
C ARG G 80 -5.02 -11.05 -32.06
N GLU G 81 -5.77 -11.73 -31.19
CA GLU G 81 -5.72 -11.44 -29.76
C GLU G 81 -4.31 -11.63 -29.20
N ALA G 82 -3.63 -12.69 -29.62
CA ALA G 82 -2.28 -12.97 -29.13
C ALA G 82 -1.30 -11.90 -29.59
N VAL G 83 -1.41 -11.44 -30.85
CA VAL G 83 -0.51 -10.41 -31.36
C VAL G 83 -0.72 -9.10 -30.61
N VAL G 84 -1.98 -8.75 -30.35
CA VAL G 84 -2.26 -7.55 -29.58
C VAL G 84 -1.62 -7.65 -28.21
N LEU G 85 -1.79 -8.78 -27.53
CA LEU G 85 -1.18 -8.96 -26.22
C LEU G 85 0.34 -8.87 -26.31
N PHE G 86 0.94 -9.57 -27.27
CA PHE G 86 2.39 -9.58 -27.40
C PHE G 86 2.94 -8.18 -27.61
N THR G 87 2.32 -7.38 -28.49
CA THR G 87 2.85 -6.07 -28.83
C THR G 87 2.41 -4.96 -27.88
N ARG G 88 1.53 -5.26 -26.92
CA ARG G 88 1.20 -4.32 -25.85
C ARG G 88 2.12 -4.44 -24.64
N ARG G 89 2.91 -5.51 -24.54
CA ARG G 89 3.83 -5.62 -23.42
C ARG G 89 4.82 -4.46 -23.44
N LEU G 90 5.18 -3.98 -22.24
CA LEU G 90 6.10 -2.86 -22.16
C LEU G 90 7.46 -3.18 -22.78
N ASP G 91 7.91 -4.44 -22.67
CA ASP G 91 9.20 -4.77 -23.28
C ASP G 91 9.15 -4.69 -24.79
N TYR G 92 7.99 -4.97 -25.40
CA TYR G 92 7.88 -4.76 -26.83
C TYR G 92 7.87 -3.27 -27.16
N LEU G 93 7.07 -2.48 -26.43
CA LEU G 93 7.05 -1.04 -26.68
C LEU G 93 8.44 -0.42 -26.51
N ALA G 94 9.22 -0.93 -25.55
CA ALA G 94 10.56 -0.40 -25.31
C ALA G 94 11.53 -0.70 -26.44
N CYS G 95 11.29 -1.75 -27.23
CA CYS G 95 12.22 -2.06 -28.32
C CYS G 95 11.94 -1.24 -29.56
N LEU G 96 10.85 -0.48 -29.58
CA LEU G 96 10.49 0.39 -30.71
C LEU G 96 11.22 1.72 -30.56
N LYS G 97 12.53 1.66 -30.71
CA LYS G 97 13.36 2.85 -30.70
C LYS G 97 13.71 3.27 -32.11
N ALA G 98 13.94 4.57 -32.28
CA ALA G 98 14.16 5.14 -33.59
C ALA G 98 15.31 4.42 -34.29
N ARG G 99 15.07 4.04 -35.55
CA ARG G 99 16.02 3.40 -36.47
C ARG G 99 16.31 1.95 -36.12
N GLU G 100 15.60 1.37 -35.14
CA GLU G 100 15.68 -0.08 -34.98
C GLU G 100 15.00 -0.78 -36.15
N VAL G 101 15.49 -1.96 -36.46
CA VAL G 101 15.01 -2.73 -37.62
C VAL G 101 13.73 -3.47 -37.24
N ARG G 102 12.71 -3.37 -38.10
CA ARG G 102 11.54 -4.23 -38.01
C ARG G 102 11.77 -5.49 -38.82
N ILE G 103 11.37 -6.63 -38.26
CA ILE G 103 11.59 -7.92 -38.91
C ILE G 103 10.24 -8.51 -39.33
N ASP G 104 10.29 -9.42 -40.31
CA ASP G 104 9.13 -10.21 -40.67
C ASP G 104 9.08 -11.46 -39.79
N LEU G 105 8.19 -12.41 -40.12
CA LEU G 105 8.05 -13.59 -39.29
C LEU G 105 9.31 -14.45 -39.23
N HIS G 106 10.24 -14.26 -40.17
CA HIS G 106 11.43 -15.10 -40.24
C HIS G 106 12.71 -14.35 -39.85
N GLY G 107 12.56 -13.18 -39.21
CA GLY G 107 13.72 -12.43 -38.79
C GLY G 107 14.40 -11.64 -39.88
N ASN G 108 13.81 -11.57 -41.07
CA ASN G 108 14.41 -10.78 -42.14
C ASN G 108 14.13 -9.29 -41.90
N PRO G 109 15.12 -8.43 -42.14
CA PRO G 109 14.90 -6.99 -41.99
C PRO G 109 14.03 -6.44 -43.11
N VAL G 110 12.98 -5.69 -42.76
CA VAL G 110 12.07 -5.17 -43.78
C VAL G 110 11.95 -3.66 -43.72
N ALA G 111 12.15 -3.06 -42.55
CA ALA G 111 11.97 -1.62 -42.40
C ALA G 111 12.61 -1.17 -41.10
N GLU G 112 12.58 0.14 -40.87
CA GLU G 112 13.09 0.74 -39.65
C GLU G 112 11.99 1.49 -38.92
N VAL G 113 12.05 1.46 -37.59
CA VAL G 113 11.14 2.23 -36.76
C VAL G 113 11.42 3.72 -36.99
N THR G 114 10.37 4.49 -37.24
CA THR G 114 10.56 5.91 -37.44
C THR G 114 10.56 6.63 -36.10
N GLU G 115 11.02 7.88 -36.12
CA GLU G 115 11.04 8.68 -34.90
C GLU G 115 9.63 8.89 -34.37
N GLU G 116 8.65 9.03 -35.27
CA GLU G 116 7.27 9.22 -34.80
C GLU G 116 6.78 7.99 -34.07
N GLU G 117 7.10 6.81 -34.61
CA GLU G 117 6.73 5.54 -33.98
C GLU G 117 7.44 5.37 -32.64
N ALA G 118 8.70 5.80 -32.57
CA ALA G 118 9.42 5.70 -31.30
C ALA G 118 8.78 6.57 -30.23
N GLU G 119 8.34 7.76 -30.62
CA GLU G 119 7.69 8.67 -29.68
C GLU G 119 6.35 8.11 -29.21
N ASN G 120 5.52 7.64 -30.14
CA ASN G 120 4.28 6.98 -29.78
C ASN G 120 4.49 5.84 -28.78
N ALA G 121 5.50 5.00 -29.03
CA ALA G 121 5.77 3.88 -28.14
C ALA G 121 6.13 4.36 -26.74
N SER G 122 7.00 5.37 -26.64
CA SER G 122 7.37 5.93 -25.35
C SER G 122 6.17 6.52 -24.64
N MET G 123 5.33 7.25 -25.38
CA MET G 123 4.11 7.80 -24.79
C MET G 123 3.19 6.71 -24.26
N LYS G 124 3.10 5.58 -24.98
CA LYS G 124 2.24 4.49 -24.51
C LYS G 124 2.76 3.92 -23.19
N ILE G 125 4.08 3.78 -23.07
CA ILE G 125 4.65 3.28 -21.82
C ILE G 125 4.30 4.23 -20.68
N LYS G 126 4.44 5.54 -20.91
CA LYS G 126 4.18 6.50 -19.85
C LYS G 126 2.73 6.46 -19.38
N LYS G 127 1.79 6.29 -20.31
CA LYS G 127 0.38 6.22 -19.91
C LYS G 127 0.05 4.91 -19.21
N ARG G 128 0.77 3.83 -19.53
CA ARG G 128 0.58 2.58 -18.82
C ARG G 128 1.05 2.67 -17.37
N VAL G 129 2.08 3.49 -17.11
CA VAL G 129 2.65 3.60 -15.77
C VAL G 129 2.19 4.86 -15.03
N GLU G 130 1.44 5.74 -15.68
CA GLU G 130 0.98 6.97 -15.02
C GLU G 130 -0.23 6.68 -14.13
N LYS H 27 -45.56 5.44 -10.59
CA LYS H 27 -44.71 5.70 -9.43
C LYS H 27 -43.63 4.62 -9.28
N ARG H 28 -44.03 3.41 -8.88
CA ARG H 28 -43.07 2.32 -8.76
C ARG H 28 -42.78 1.66 -10.11
N ALA H 29 -43.61 1.89 -11.12
CA ALA H 29 -43.27 1.45 -12.47
C ALA H 29 -42.19 2.33 -13.08
N ARG H 30 -42.00 3.55 -12.56
CA ARG H 30 -40.90 4.43 -12.96
C ARG H 30 -39.62 4.12 -12.20
N SER H 31 -39.74 3.73 -10.92
CA SER H 31 -38.58 3.25 -10.18
C SER H 31 -38.05 1.95 -10.76
N ASP H 32 -38.96 1.05 -11.18
CA ASP H 32 -38.53 -0.19 -11.81
C ASP H 32 -37.89 0.08 -13.18
N ALA H 33 -38.42 1.07 -13.91
CA ALA H 33 -37.77 1.46 -15.17
C ALA H 33 -36.36 1.94 -14.91
N LEU H 34 -36.16 2.67 -13.81
CA LEU H 34 -34.82 3.12 -13.45
C LEU H 34 -33.93 1.94 -13.04
N LEU H 35 -34.49 0.97 -12.32
CA LEU H 35 -33.73 -0.22 -11.96
C LEU H 35 -33.32 -1.02 -13.18
N TRP H 36 -34.22 -1.14 -14.16
CA TRP H 36 -33.87 -1.84 -15.39
C TRP H 36 -32.75 -1.13 -16.13
N LEU H 37 -32.79 0.21 -16.19
CA LEU H 37 -31.72 0.98 -16.83
C LEU H 37 -30.42 0.86 -16.06
N ALA H 38 -30.47 0.95 -14.74
CA ALA H 38 -29.26 0.82 -13.93
C ALA H 38 -28.66 -0.58 -14.04
N ALA H 39 -29.50 -1.61 -14.14
CA ALA H 39 -28.98 -2.98 -14.20
C ALA H 39 -28.43 -3.31 -15.59
N ASN H 40 -29.04 -2.76 -16.64
CA ASN H 40 -28.65 -3.12 -18.00
C ASN H 40 -27.62 -2.18 -18.59
N PHE H 41 -27.58 -0.92 -18.15
CA PHE H 41 -26.61 0.06 -18.64
C PHE H 41 -25.99 0.77 -17.45
N PRO H 42 -25.22 0.05 -16.61
CA PRO H 42 -24.68 0.68 -15.39
C PRO H 42 -23.70 1.81 -15.65
N GLU H 43 -22.96 1.79 -16.77
CA GLU H 43 -22.06 2.90 -17.07
C GLU H 43 -22.81 4.23 -17.09
N ALA H 44 -24.05 4.22 -17.59
CA ALA H 44 -24.83 5.43 -17.74
C ALA H 44 -25.79 5.70 -16.59
N PHE H 45 -26.43 4.66 -16.05
CA PHE H 45 -27.56 4.86 -15.16
C PHE H 45 -27.36 4.29 -13.77
N ASP H 46 -26.20 3.70 -13.47
CA ASP H 46 -25.88 3.32 -12.08
C ASP H 46 -25.10 4.47 -11.47
N ASN H 47 -25.78 5.29 -10.66
CA ASN H 47 -25.18 6.47 -10.04
C ASN H 47 -24.85 6.24 -8.57
N SER H 48 -24.58 4.98 -8.18
CA SER H 48 -24.34 4.70 -6.77
C SER H 48 -23.06 5.38 -6.27
N LEU H 49 -22.05 5.50 -7.11
CA LEU H 49 -20.76 6.09 -6.75
C LEU H 49 -20.43 7.37 -7.52
N ARG H 50 -20.89 7.51 -8.76
CA ARG H 50 -20.56 8.64 -9.61
C ARG H 50 -21.72 8.92 -10.56
N ILE H 51 -21.70 10.10 -11.15
CA ILE H 51 -22.69 10.48 -12.14
C ILE H 51 -22.01 11.27 -13.25
N ARG H 52 -22.39 10.99 -14.49
CA ARG H 52 -21.77 11.60 -15.65
C ARG H 52 -22.83 12.10 -16.62
N PRO H 53 -22.55 13.19 -17.33
CA PRO H 53 -23.50 13.69 -18.31
C PRO H 53 -23.80 12.64 -19.38
N LEU H 54 -25.07 12.55 -19.77
CA LEU H 54 -25.54 11.61 -20.76
C LEU H 54 -25.72 12.30 -22.12
N LYS H 55 -25.48 11.53 -23.17
CA LYS H 55 -25.77 11.95 -24.54
C LYS H 55 -27.13 12.62 -24.66
N ILE H 56 -27.17 13.77 -25.36
CA ILE H 56 -28.46 14.35 -25.73
C ILE H 56 -29.16 13.39 -26.69
N GLY H 57 -30.40 13.03 -26.36
CA GLY H 57 -31.07 12.05 -27.18
C GLY H 57 -30.73 10.61 -26.85
N ILE H 58 -30.23 10.34 -25.63
CA ILE H 58 -29.99 8.96 -25.21
C ILE H 58 -31.27 8.14 -25.25
N MET H 59 -32.44 8.80 -25.14
CA MET H 59 -33.70 8.07 -25.20
C MET H 59 -33.81 7.26 -26.50
N SER H 60 -33.35 7.85 -27.61
CA SER H 60 -33.39 7.13 -28.88
C SER H 60 -32.51 5.88 -28.84
N ASP H 61 -31.35 5.96 -28.20
CA ASP H 61 -30.52 4.76 -28.04
C ASP H 61 -31.22 3.73 -27.15
N ILE H 62 -31.88 4.19 -26.08
CA ILE H 62 -32.60 3.29 -25.19
C ILE H 62 -33.71 2.56 -25.94
N LEU H 63 -34.41 3.27 -26.84
CA LEU H 63 -35.54 2.66 -27.51
C LEU H 63 -35.15 1.53 -28.45
N GLN H 64 -33.88 1.46 -28.86
CA GLN H 64 -33.42 0.29 -29.60
C GLN H 64 -33.45 -0.98 -28.75
N HIS H 65 -33.49 -0.84 -27.42
CA HIS H 65 -33.62 -1.95 -26.50
C HIS H 65 -35.03 -2.06 -25.93
N ALA H 66 -36.02 -1.41 -26.55
CA ALA H 66 -37.35 -1.34 -25.95
C ALA H 66 -38.03 -2.70 -25.87
N GLU H 67 -37.86 -3.56 -26.89
CA GLU H 67 -38.51 -4.87 -26.86
C GLU H 67 -37.97 -5.72 -25.72
N LYS H 68 -36.66 -5.65 -25.46
CA LYS H 68 -36.12 -6.37 -24.32
C LYS H 68 -36.71 -5.85 -23.01
N ALA H 69 -37.02 -4.55 -22.94
CA ALA H 69 -37.65 -3.99 -21.76
C ALA H 69 -39.10 -4.46 -21.62
N GLU H 70 -39.81 -4.58 -22.74
CA GLU H 70 -41.22 -4.99 -22.72
C GLU H 70 -41.40 -6.37 -22.13
N GLN H 71 -40.41 -7.26 -22.32
CA GLN H 71 -40.54 -8.62 -21.82
C GLN H 71 -40.59 -8.67 -20.31
N VAL H 72 -40.01 -7.69 -19.63
CA VAL H 72 -40.00 -7.64 -18.18
C VAL H 72 -40.98 -6.61 -17.62
N GLY H 73 -41.77 -5.96 -18.48
CA GLY H 73 -42.82 -5.09 -18.02
C GLY H 73 -42.55 -3.60 -18.03
N VAL H 74 -41.52 -3.16 -18.74
CA VAL H 74 -41.09 -1.75 -18.73
C VAL H 74 -41.45 -1.13 -20.08
N SER H 75 -42.29 -0.10 -20.05
CA SER H 75 -42.79 0.59 -21.24
C SER H 75 -41.83 1.71 -21.69
N LYS H 76 -42.03 2.17 -22.93
CA LYS H 76 -41.24 3.30 -23.43
C LYS H 76 -41.48 4.56 -22.62
N SER H 77 -42.75 4.85 -22.31
CA SER H 77 -43.06 6.07 -21.57
C SER H 77 -42.40 6.06 -20.19
N LYS H 78 -42.46 4.92 -19.49
CA LYS H 78 -41.80 4.82 -18.19
C LYS H 78 -40.29 4.91 -18.33
N LEU H 79 -39.73 4.40 -19.43
CA LEU H 79 -38.31 4.62 -19.71
C LEU H 79 -38.03 6.11 -19.88
N ARG H 80 -38.87 6.82 -20.64
CA ARG H 80 -38.70 8.25 -20.81
C ARG H 80 -38.86 8.98 -19.49
N GLU H 81 -39.89 8.61 -18.72
CA GLU H 81 -40.12 9.22 -17.41
C GLU H 81 -38.94 9.00 -16.48
N ALA H 82 -38.37 7.79 -16.50
CA ALA H 82 -37.20 7.52 -15.65
C ALA H 82 -36.00 8.36 -16.07
N VAL H 83 -35.78 8.48 -17.38
CA VAL H 83 -34.68 9.30 -17.88
C VAL H 83 -34.91 10.77 -17.53
N VAL H 84 -36.16 11.25 -17.64
CA VAL H 84 -36.46 12.62 -17.26
C VAL H 84 -36.15 12.84 -15.78
N LEU H 85 -36.61 11.93 -14.92
CA LEU H 85 -36.33 12.03 -13.50
C LEU H 85 -34.82 11.94 -13.24
N PHE H 86 -34.14 11.01 -13.90
CA PHE H 86 -32.72 10.84 -13.70
C PHE H 86 -31.96 12.13 -13.98
N THR H 87 -32.31 12.83 -15.05
CA THR H 87 -31.59 14.00 -15.50
C THR H 87 -32.06 15.32 -14.86
N ARG H 88 -33.10 15.29 -14.02
CA ARG H 88 -33.48 16.48 -13.25
C ARG H 88 -32.92 16.48 -11.83
N ARG H 89 -32.39 15.36 -11.34
CA ARG H 89 -31.87 15.31 -9.97
C ARG H 89 -30.72 16.28 -9.79
N LEU H 90 -30.61 16.83 -8.57
CA LEU H 90 -29.65 17.88 -8.30
C LEU H 90 -28.21 17.41 -8.53
N ASP H 91 -27.90 16.17 -8.17
CA ASP H 91 -26.53 15.69 -8.37
C ASP H 91 -26.20 15.52 -9.85
N TYR H 92 -27.21 15.24 -10.68
CA TYR H 92 -26.97 15.21 -12.12
C TYR H 92 -26.77 16.62 -12.67
N LEU H 93 -27.62 17.57 -12.26
CA LEU H 93 -27.47 18.94 -12.74
C LEU H 93 -26.10 19.51 -12.39
N ALA H 94 -25.56 19.13 -11.22
CA ALA H 94 -24.24 19.60 -10.83
C ALA H 94 -23.13 18.99 -11.66
N CYS H 95 -23.35 17.82 -12.28
CA CYS H 95 -22.27 17.24 -13.08
C CYS H 95 -22.24 17.83 -14.49
N LEU H 96 -23.22 18.66 -14.86
CA LEU H 96 -23.27 19.27 -16.19
C LEU H 96 -22.41 20.53 -16.21
N LYS H 97 -21.10 20.31 -16.17
CA LYS H 97 -20.14 21.39 -16.21
C LYS H 97 -19.65 21.56 -17.64
N ALA H 98 -19.31 22.81 -18.00
CA ALA H 98 -18.93 23.12 -19.36
C ALA H 98 -17.79 22.22 -19.83
N ARG H 99 -17.96 21.60 -20.99
CA ARG H 99 -16.97 20.77 -21.68
C ARG H 99 -16.74 19.43 -21.00
N GLU H 100 -17.55 19.05 -20.02
CA GLU H 100 -17.56 17.68 -19.55
C GLU H 100 -18.06 16.75 -20.65
N VAL H 101 -17.62 15.50 -20.59
CA VAL H 101 -17.98 14.52 -21.61
C VAL H 101 -19.37 14.01 -21.34
N ARG H 102 -20.20 13.95 -22.39
CA ARG H 102 -21.45 13.19 -22.39
C ARG H 102 -21.17 11.79 -22.91
N ILE H 103 -21.73 10.78 -22.25
CA ILE H 103 -21.48 9.37 -22.56
C ILE H 103 -22.71 8.73 -23.17
N ASP H 104 -22.48 7.65 -23.91
CA ASP H 104 -23.58 6.82 -24.38
C ASP H 104 -23.91 5.80 -23.29
N LEU H 105 -24.76 4.82 -23.62
CA LEU H 105 -25.23 3.84 -22.65
C LEU H 105 -24.10 2.97 -22.11
N HIS H 106 -22.97 2.92 -22.80
CA HIS H 106 -21.85 2.07 -22.42
C HIS H 106 -20.65 2.89 -21.93
N GLY H 107 -20.87 4.16 -21.62
CA GLY H 107 -19.80 4.98 -21.12
C GLY H 107 -18.85 5.50 -22.18
N ASN H 108 -19.17 5.32 -23.46
CA ASN H 108 -18.31 5.83 -24.50
C ASN H 108 -18.52 7.34 -24.66
N PRO H 109 -17.43 8.09 -24.86
CA PRO H 109 -17.57 9.55 -25.06
C PRO H 109 -18.20 9.85 -26.40
N VAL H 110 -19.26 10.66 -26.39
CA VAL H 110 -19.96 10.97 -27.64
C VAL H 110 -20.03 12.47 -27.91
N ALA H 111 -19.97 13.30 -26.86
CA ALA H 111 -20.14 14.74 -27.05
C ALA H 111 -19.64 15.46 -25.80
N GLU H 112 -19.69 16.79 -25.83
CA GLU H 112 -19.29 17.63 -24.71
C GLU H 112 -20.43 18.54 -24.30
N VAL H 113 -20.53 18.81 -22.99
CA VAL H 113 -21.53 19.77 -22.50
C VAL H 113 -21.17 21.16 -23.00
N THR H 114 -22.17 21.86 -23.54
CA THR H 114 -21.93 23.21 -24.06
C THR H 114 -21.98 24.24 -22.93
N GLU H 115 -21.50 25.44 -23.25
CA GLU H 115 -21.54 26.54 -22.28
C GLU H 115 -22.98 26.85 -21.88
N GLU H 116 -23.90 26.86 -22.85
CA GLU H 116 -25.30 27.15 -22.56
C GLU H 116 -25.96 26.02 -21.76
N GLU H 117 -25.63 24.77 -22.07
CA GLU H 117 -26.17 23.67 -21.28
C GLU H 117 -25.68 23.72 -19.85
N ALA H 118 -24.39 24.04 -19.64
CA ALA H 118 -23.88 24.20 -18.28
C ALA H 118 -24.54 25.37 -17.57
N GLU H 119 -24.74 26.49 -18.29
CA GLU H 119 -25.38 27.64 -17.68
C GLU H 119 -26.83 27.31 -17.32
N ASN H 120 -27.52 26.56 -18.19
CA ASN H 120 -28.91 26.21 -17.93
C ASN H 120 -29.04 25.29 -16.72
N ALA H 121 -28.14 24.31 -16.61
CA ALA H 121 -28.14 23.43 -15.44
C ALA H 121 -27.95 24.22 -14.15
N SER H 122 -26.98 25.14 -14.15
N SER H 122 -26.98 25.14 -14.15
CA SER H 122 -26.72 25.93 -12.95
CA SER H 122 -26.72 25.93 -12.95
C SER H 122 -27.90 26.82 -12.58
C SER H 122 -27.90 26.82 -12.58
N MET H 123 -28.65 27.29 -13.58
CA MET H 123 -29.83 28.10 -13.29
C MET H 123 -30.95 27.25 -12.70
N LYS H 124 -31.10 26.01 -13.18
CA LYS H 124 -32.12 25.12 -12.62
C LYS H 124 -31.84 24.82 -11.16
N ILE H 125 -30.56 24.65 -10.80
CA ILE H 125 -30.18 24.38 -9.41
C ILE H 125 -30.63 25.55 -8.52
N LYS H 126 -30.37 26.78 -8.96
CA LYS H 126 -30.73 27.96 -8.16
C LYS H 126 -32.24 28.09 -8.00
N LYS H 127 -33.01 27.76 -9.05
CA LYS H 127 -34.45 27.91 -8.99
C LYS H 127 -35.10 26.88 -8.08
N ARG H 128 -34.47 25.72 -7.90
CA ARG H 128 -35.02 24.70 -7.01
C ARG H 128 -34.71 24.95 -5.54
N VAL H 129 -33.93 25.99 -5.23
CA VAL H 129 -33.58 26.32 -3.84
C VAL H 129 -33.81 27.81 -3.60
N ALA I 33 16.56 31.56 -8.98
CA ALA I 33 16.71 30.24 -9.56
C ALA I 33 16.64 29.17 -8.47
N LEU I 34 17.29 29.48 -7.34
CA LEU I 34 17.27 28.57 -6.20
C LEU I 34 15.87 28.45 -5.64
N LEU I 35 15.11 29.55 -5.64
CA LEU I 35 13.72 29.52 -5.18
C LEU I 35 12.89 28.58 -6.04
N TRP I 36 13.16 28.55 -7.35
CA TRP I 36 12.47 27.61 -8.23
C TRP I 36 12.77 26.16 -7.85
N LEU I 37 14.03 25.86 -7.50
CA LEU I 37 14.38 24.51 -7.08
C LEU I 37 13.64 24.14 -5.80
N ALA I 38 13.58 25.07 -4.84
CA ALA I 38 12.87 24.79 -3.60
C ALA I 38 11.38 24.60 -3.83
N ALA I 39 10.79 25.32 -4.79
CA ALA I 39 9.36 25.20 -5.01
C ALA I 39 8.99 23.90 -5.74
N ASN I 40 9.83 23.47 -6.67
CA ASN I 40 9.48 22.32 -7.52
C ASN I 40 10.01 20.99 -6.98
N PHE I 41 11.10 20.99 -6.24
CA PHE I 41 11.66 19.77 -5.62
C PHE I 41 11.97 20.06 -4.16
N PRO I 42 10.94 20.32 -3.34
CA PRO I 42 11.19 20.73 -1.95
C PRO I 42 11.86 19.69 -1.08
N GLU I 43 11.70 18.39 -1.38
CA GLU I 43 12.40 17.38 -0.61
C GLU I 43 13.91 17.60 -0.63
N ALA I 44 14.44 18.05 -1.76
CA ALA I 44 15.87 18.20 -1.96
C ALA I 44 16.38 19.62 -1.71
N PHE I 45 15.63 20.65 -2.11
CA PHE I 45 16.18 21.99 -2.17
C PHE I 45 15.47 23.02 -1.31
N ASP I 46 14.45 22.64 -0.56
CA ASP I 46 13.88 23.55 0.44
C ASP I 46 14.59 23.24 1.75
N ASN I 47 15.59 24.07 2.08
CA ASN I 47 16.40 23.90 3.28
C ASN I 47 16.00 24.87 4.38
N SER I 48 14.73 25.31 4.39
CA SER I 48 14.30 26.29 5.37
C SER I 48 14.34 25.73 6.79
N LEU I 49 14.07 24.44 6.95
CA LEU I 49 14.04 23.79 8.26
C LEU I 49 15.11 22.71 8.44
N ARG I 50 15.46 22.00 7.36
CA ARG I 50 16.41 20.89 7.40
C ARG I 50 17.10 20.81 6.05
N ILE I 51 18.23 20.11 6.00
CA ILE I 51 18.95 19.90 4.75
C ILE I 51 19.53 18.50 4.74
N ARG I 52 19.51 17.84 3.58
CA ARG I 52 19.94 16.46 3.48
C ARG I 52 20.94 16.29 2.34
N PRO I 53 21.90 15.36 2.48
CA PRO I 53 22.84 15.10 1.39
C PRO I 53 22.11 14.74 0.10
N LEU I 54 22.62 15.27 -1.01
CA LEU I 54 22.00 15.06 -2.32
C LEU I 54 22.74 13.99 -3.09
N LYS I 55 21.96 13.24 -3.88
CA LYS I 55 22.51 12.29 -4.84
C LYS I 55 23.64 12.92 -5.66
N ILE I 56 24.76 12.20 -5.76
CA ILE I 56 25.84 12.62 -6.65
C ILE I 56 25.36 12.54 -8.10
N GLY I 57 25.52 13.65 -8.82
CA GLY I 57 24.98 13.72 -10.17
C GLY I 57 23.52 14.13 -10.22
N ILE I 58 23.00 14.76 -9.16
CA ILE I 58 21.64 15.26 -9.13
C ILE I 58 21.40 16.27 -10.25
N MET I 59 22.46 16.89 -10.75
CA MET I 59 22.32 17.85 -11.85
C MET I 59 21.66 17.21 -13.06
N SER I 60 22.01 15.96 -13.38
CA SER I 60 21.44 15.32 -14.55
C SER I 60 19.94 15.15 -14.41
N ASP I 61 19.46 14.83 -13.20
CA ASP I 61 18.03 14.72 -12.96
C ASP I 61 17.35 16.09 -13.10
N ILE I 62 17.99 17.14 -12.59
CA ILE I 62 17.44 18.49 -12.69
C ILE I 62 17.32 18.91 -14.15
N LEU I 63 18.34 18.62 -14.97
CA LEU I 63 18.35 19.10 -16.34
C LEU I 63 17.26 18.46 -17.21
N GLN I 64 16.71 17.31 -16.78
CA GLN I 64 15.53 16.78 -17.46
C GLN I 64 14.31 17.67 -17.27
N HIS I 65 14.32 18.55 -16.28
CA HIS I 65 13.27 19.51 -16.04
C HIS I 65 13.65 20.92 -16.47
N ALA I 66 14.71 21.07 -17.27
CA ALA I 66 15.21 22.40 -17.60
C ALA I 66 14.20 23.21 -18.40
N GLU I 67 13.45 22.57 -19.29
CA GLU I 67 12.50 23.29 -20.12
C GLU I 67 11.40 23.95 -19.30
N LYS I 68 10.89 23.25 -18.30
CA LYS I 68 9.89 23.85 -17.43
C LYS I 68 10.47 25.03 -16.65
N ALA I 69 11.73 24.98 -16.29
CA ALA I 69 12.37 26.09 -15.56
C ALA I 69 12.52 27.31 -16.47
N GLU I 70 12.78 27.08 -17.76
CA GLU I 70 12.98 28.18 -18.70
C GLU I 70 11.75 29.05 -18.80
N GLN I 71 10.56 28.47 -18.64
CA GLN I 71 9.32 29.23 -18.81
C GLN I 71 9.16 30.33 -17.78
N VAL I 72 9.76 30.17 -16.60
CA VAL I 72 9.63 31.17 -15.54
C VAL I 72 10.86 32.05 -15.40
N GLY I 73 11.81 31.94 -16.32
CA GLY I 73 12.95 32.82 -16.36
C GLY I 73 14.23 32.24 -15.80
N VAL I 74 14.28 30.94 -15.58
CA VAL I 74 15.44 30.27 -14.98
C VAL I 74 16.13 29.49 -16.08
N SER I 75 17.36 29.86 -16.39
CA SER I 75 18.11 29.24 -17.48
C SER I 75 18.82 27.99 -16.99
N LYS I 76 19.33 27.22 -17.96
CA LYS I 76 20.13 26.03 -17.67
C LYS I 76 21.43 26.38 -16.95
N SER I 77 21.79 27.67 -16.86
N SER I 77 21.78 27.67 -16.86
CA SER I 77 23.02 28.11 -16.23
CA SER I 77 23.02 28.14 -16.25
C SER I 77 22.83 28.52 -14.78
C SER I 77 22.84 28.54 -14.79
N LYS I 78 21.79 29.31 -14.49
CA LYS I 78 21.52 29.69 -13.10
C LYS I 78 21.14 28.49 -12.24
N LEU I 79 20.50 27.48 -12.83
CA LEU I 79 20.25 26.24 -12.10
C LEU I 79 21.55 25.59 -11.65
N ARG I 80 22.55 25.54 -12.53
CA ARG I 80 23.84 24.96 -12.15
C ARG I 80 24.51 25.76 -11.05
N GLU I 81 24.51 27.09 -11.19
CA GLU I 81 25.10 27.94 -10.16
C GLU I 81 24.42 27.75 -8.81
N ALA I 82 23.09 27.61 -8.82
CA ALA I 82 22.37 27.45 -7.55
C ALA I 82 22.75 26.16 -6.85
N VAL I 83 22.84 25.06 -7.60
CA VAL I 83 23.20 23.78 -7.00
C VAL I 83 24.62 23.79 -6.48
N VAL I 84 25.56 24.37 -7.24
CA VAL I 84 26.93 24.47 -6.77
C VAL I 84 26.99 25.25 -5.47
N LEU I 85 26.34 26.42 -5.46
CA LEU I 85 26.29 27.23 -4.25
C LEU I 85 25.57 26.49 -3.11
N PHE I 86 24.45 25.84 -3.42
CA PHE I 86 23.66 25.12 -2.40
C PHE I 86 24.50 24.07 -1.69
N THR I 87 25.32 23.33 -2.43
CA THR I 87 26.11 22.25 -1.88
C THR I 87 27.44 22.69 -1.31
N ARG I 88 27.79 23.97 -1.44
CA ARG I 88 28.98 24.49 -0.77
C ARG I 88 28.66 25.24 0.53
N ARG I 89 27.40 25.58 0.78
CA ARG I 89 27.03 26.32 1.99
C ARG I 89 27.35 25.52 3.25
N LEU I 90 27.66 26.26 4.33
CA LEU I 90 28.07 25.62 5.58
C LEU I 90 27.01 24.66 6.10
N ASP I 91 25.72 25.00 5.92
CA ASP I 91 24.68 24.11 6.41
C ASP I 91 24.64 22.81 5.62
N TYR I 92 24.97 22.84 4.33
CA TYR I 92 25.04 21.60 3.57
C TYR I 92 26.28 20.78 3.96
N LEU I 93 27.44 21.44 4.05
CA LEU I 93 28.66 20.73 4.40
C LEU I 93 28.54 20.04 5.76
N ALA I 94 27.83 20.66 6.71
CA ALA I 94 27.68 20.06 8.03
C ALA I 94 26.79 18.82 8.00
N CYS I 95 25.89 18.71 7.03
CA CYS I 95 25.02 17.53 6.97
C CYS I 95 25.66 16.36 6.25
N LEU I 96 26.84 16.54 5.65
CA LEU I 96 27.54 15.47 4.96
C LEU I 96 28.34 14.65 5.98
N LYS I 97 27.60 13.92 6.81
CA LYS I 97 28.21 13.03 7.80
C LYS I 97 28.23 11.60 7.26
N ALA I 98 29.25 10.85 7.69
CA ALA I 98 29.45 9.50 7.18
C ALA I 98 28.21 8.64 7.39
N ARG I 99 27.80 7.94 6.33
CA ARG I 99 26.69 6.98 6.31
C ARG I 99 25.32 7.66 6.39
N GLU I 100 25.27 9.00 6.29
CA GLU I 100 24.01 9.67 6.04
C GLU I 100 23.51 9.33 4.64
N VAL I 101 22.18 9.36 4.48
CA VAL I 101 21.53 9.01 3.22
C VAL I 101 21.61 10.18 2.25
N ARG I 102 21.99 9.92 1.01
CA ARG I 102 21.83 10.87 -0.07
C ARG I 102 20.49 10.63 -0.75
N ILE I 103 19.77 11.70 -1.03
CA ILE I 103 18.41 11.62 -1.56
C ILE I 103 18.40 12.11 -3.01
N ASP I 104 17.40 11.65 -3.75
CA ASP I 104 17.13 12.17 -5.08
C ASP I 104 16.23 13.40 -4.95
N LEU I 105 15.71 13.90 -6.07
CA LEU I 105 14.92 15.12 -6.05
C LEU I 105 13.63 14.97 -5.24
N HIS I 106 13.19 13.74 -4.99
CA HIS I 106 11.93 13.51 -4.31
C HIS I 106 12.13 12.90 -2.92
N GLY I 107 13.34 13.01 -2.37
CA GLY I 107 13.59 12.54 -1.02
C GLY I 107 13.77 11.05 -0.88
N ASN I 108 13.84 10.31 -1.99
CA ASN I 108 14.06 8.87 -1.96
C ASN I 108 15.54 8.58 -1.69
N PRO I 109 15.84 7.57 -0.87
CA PRO I 109 17.25 7.22 -0.59
C PRO I 109 17.90 6.58 -1.80
N VAL I 110 19.09 7.07 -2.16
CA VAL I 110 19.78 6.52 -3.34
C VAL I 110 21.17 5.98 -2.97
N ALA I 111 21.79 6.53 -1.93
CA ALA I 111 23.15 6.14 -1.58
C ALA I 111 23.47 6.66 -0.18
N GLU I 112 24.66 6.35 0.30
CA GLU I 112 25.14 6.80 1.60
C GLU I 112 26.41 7.62 1.44
N VAL I 113 26.58 8.63 2.31
CA VAL I 113 27.80 9.43 2.30
C VAL I 113 28.98 8.55 2.70
N THR I 114 30.08 8.65 1.95
CA THR I 114 31.26 7.86 2.28
C THR I 114 32.10 8.55 3.35
N GLU I 115 33.04 7.79 3.92
CA GLU I 115 33.92 8.36 4.95
C GLU I 115 34.75 9.50 4.39
N GLU I 116 35.26 9.33 3.17
CA GLU I 116 36.11 10.36 2.56
C GLU I 116 35.30 11.63 2.26
N GLU I 117 34.08 11.47 1.78
CA GLU I 117 33.25 12.63 1.50
C GLU I 117 32.96 13.44 2.76
N ALA I 118 32.73 12.76 3.89
CA ALA I 118 32.47 13.46 5.13
C ALA I 118 33.68 14.24 5.65
N GLU I 119 34.88 13.63 5.63
CA GLU I 119 36.04 14.38 6.12
C GLU I 119 36.39 15.53 5.19
N ASN I 120 36.24 15.34 3.88
CA ASN I 120 36.41 16.45 2.96
C ASN I 120 35.45 17.60 3.31
N ALA I 121 34.25 17.27 3.78
CA ALA I 121 33.28 18.31 4.13
C ALA I 121 33.67 19.02 5.43
N SER I 122 34.03 18.24 6.45
CA SER I 122 34.37 18.85 7.74
C SER I 122 35.70 19.57 7.69
N MET I 123 36.54 19.26 6.70
CA MET I 123 37.80 19.99 6.52
C MET I 123 37.56 21.34 5.85
N LYS I 124 36.61 21.39 4.91
CA LYS I 124 36.27 22.65 4.25
C LYS I 124 35.68 23.66 5.22
N ILE I 125 34.90 23.20 6.21
CA ILE I 125 34.20 24.12 7.10
C ILE I 125 35.19 25.00 7.87
N LYS I 126 36.19 24.41 8.51
CA LYS I 126 37.13 25.23 9.27
C LYS I 126 37.96 26.12 8.34
N LYS I 127 38.37 25.60 7.19
CA LYS I 127 39.17 26.34 6.22
C LYS I 127 38.36 27.39 5.45
#